data_2VAR
#
_entry.id   2VAR
#
_cell.length_a   104.553
_cell.length_b   104.553
_cell.length_c   420.782
_cell.angle_alpha   90.00
_cell.angle_beta   90.00
_cell.angle_gamma   120.00
#
_symmetry.space_group_name_H-M   'P 65 2 2'
#
loop_
_entity.id
_entity.type
_entity.pdbx_description
1 polymer FRUCTOKINASE
2 non-polymer 2-KETO-3-DEOXYGLUCONATE
3 non-polymer '3-deoxy-alpha-D-erythro-hex-2-ulofuranosonic acid'
4 non-polymer 'PHOSPHOAMINOPHOSPHONIC ACID-ADENYLATE ESTER'
5 non-polymer 'ADENOSINE MONOPHOSPHATE'
6 water water
#
_entity_poly.entity_id   1
_entity_poly.type   'polypeptide(L)'
_entity_poly.pdbx_seq_one_letter_code
;MVDVIALGEPLIQFNSFNPGPLRFVNYFEKHVAGSELNFCIAVVRNHLSCSLIARVGNDEFGKNIIEYSRAQGIDTSHIK
VDNESFTGIYFIQRGYPIPMKSELVYYRKGSAGSRLSPEDINENYVRNSRLVHSTGITLAISDNAKEAVIKAFELAKSRS
LDTNIRPKLWSSLEKAKETILSILKKYDIEVLITDPDDTKILLDVTDPDEAYRKYKELGVKVLLYKLGSKGAIAYKDNVK
AFKDAYKVPVEDPTGAGDAMAGTFVSLYLQGKDIEYSLAHGIAASTLVITVRGDNELTPTLEDAERFLNEFKT
;
_entity_poly.pdbx_strand_id   A,B,C
#
loop_
_chem_comp.id
_chem_comp.type
_chem_comp.name
_chem_comp.formula
AMP non-polymer 'ADENOSINE MONOPHOSPHATE' 'C10 H14 N5 O7 P'
ANP non-polymer 'PHOSPHOAMINOPHOSPHONIC ACID-ADENYLATE ESTER' 'C10 H17 N6 O12 P3'
KDF D-saccharide, alpha linking '3-deoxy-alpha-D-erythro-hex-2-ulofuranosonic acid' 'C6 H10 O6'
KDG non-polymer 2-KETO-3-DEOXYGLUCONATE 'C6 H10 O6'
#
# COMPACT_ATOMS: atom_id res chain seq x y z
N VAL A 2 -23.93 24.26 25.64
CA VAL A 2 -22.81 23.28 25.46
C VAL A 2 -21.48 23.83 26.04
N ASP A 3 -20.75 23.00 26.77
CA ASP A 3 -19.48 23.41 27.37
C ASP A 3 -18.37 23.80 26.33
N VAL A 4 -18.08 22.91 25.39
CA VAL A 4 -16.97 23.06 24.43
C VAL A 4 -17.56 22.96 23.03
N ILE A 5 -17.23 23.94 22.20
CA ILE A 5 -17.42 23.87 20.76
C ILE A 5 -16.05 23.66 20.10
N ALA A 6 -15.97 22.69 19.17
CA ALA A 6 -14.78 22.50 18.36
C ALA A 6 -15.13 22.70 16.90
N LEU A 7 -14.25 23.30 16.11
CA LEU A 7 -14.47 23.43 14.67
C LEU A 7 -13.43 22.55 14.02
N GLY A 8 -13.83 21.75 13.03
CA GLY A 8 -12.84 21.00 12.28
C GLY A 8 -13.43 20.11 11.21
N GLU A 9 -12.59 19.31 10.60
CA GLU A 9 -13.01 18.36 9.59
C GLU A 9 -12.84 16.92 10.11
N PRO A 10 -13.97 16.28 10.42
CA PRO A 10 -13.88 14.85 10.79
C PRO A 10 -13.56 14.03 9.52
N LEU A 11 -12.86 12.92 9.72
CA LEU A 11 -12.34 12.16 8.61
C LEU A 11 -12.51 10.66 8.85
N ILE A 12 -12.57 9.90 7.77
CA ILE A 12 -12.54 8.45 7.91
C ILE A 12 -11.10 8.01 7.74
N GLN A 13 -10.63 7.17 8.65
CA GLN A 13 -9.25 6.69 8.62
C GLN A 13 -9.23 5.24 8.16
N PHE A 14 -8.26 4.88 7.34
CA PHE A 14 -8.09 3.49 6.87
C PHE A 14 -6.71 3.05 7.28
N ASN A 15 -6.69 2.22 8.31
CA ASN A 15 -5.46 1.90 8.99
C ASN A 15 -4.98 0.54 8.44
N SER A 16 -3.76 0.49 7.95
CA SER A 16 -3.24 -0.77 7.53
C SER A 16 -3.26 -1.79 8.63
N PHE A 17 -3.78 -2.95 8.26
CA PHE A 17 -3.86 -4.04 9.17
C PHE A 17 -2.47 -4.48 9.66
N ASN A 18 -1.45 -4.39 8.81
CA ASN A 18 -0.06 -4.55 9.28
C ASN A 18 0.92 -3.50 8.75
N PRO A 19 2.13 -3.43 9.34
CA PRO A 19 3.15 -2.45 8.98
C PRO A 19 3.70 -2.69 7.56
N GLY A 20 4.15 -1.63 6.91
CA GLY A 20 4.88 -1.75 5.64
C GLY A 20 4.34 -0.81 4.61
N PRO A 21 5.02 -0.74 3.47
CA PRO A 21 4.55 0.19 2.44
C PRO A 21 3.14 -0.24 2.01
N LEU A 22 2.30 0.76 1.71
CA LEU A 22 0.90 0.54 1.37
C LEU A 22 0.76 -0.43 0.21
N ARG A 23 1.70 -0.46 -0.73
CA ARG A 23 1.50 -1.38 -1.87
C ARG A 23 1.47 -2.84 -1.48
N PHE A 24 1.98 -3.17 -0.28
CA PHE A 24 1.99 -4.56 0.17
C PHE A 24 0.94 -4.84 1.22
N VAL A 25 0.18 -3.85 1.62
CA VAL A 25 -0.89 -4.04 2.60
C VAL A 25 -2.14 -4.51 1.81
N ASN A 26 -2.78 -5.57 2.30
CA ASN A 26 -3.98 -6.15 1.65
C ASN A 26 -5.26 -5.79 2.39
N TYR A 27 -5.14 -5.50 3.70
CA TYR A 27 -6.34 -5.19 4.49
C TYR A 27 -6.26 -3.87 5.21
N PHE A 28 -7.38 -3.19 5.27
CA PHE A 28 -7.51 -1.86 5.87
C PHE A 28 -8.68 -1.86 6.84
N GLU A 29 -8.40 -1.41 8.06
CA GLU A 29 -9.38 -1.34 9.12
C GLU A 29 -9.85 0.11 9.23
N LYS A 30 -11.16 0.28 9.23
CA LYS A 30 -11.75 1.62 9.20
C LYS A 30 -11.92 2.16 10.64
N HIS A 31 -11.62 3.45 10.83
CA HIS A 31 -11.89 4.14 12.12
C HIS A 31 -12.42 5.52 11.80
N VAL A 32 -13.16 6.09 12.75
CA VAL A 32 -13.64 7.45 12.62
C VAL A 32 -12.64 8.35 13.42
N ALA A 33 -12.21 9.43 12.79
CA ALA A 33 -11.13 10.22 13.37
C ALA A 33 -11.20 11.64 12.80
N GLY A 34 -10.05 12.29 12.64
CA GLY A 34 -10.01 13.75 12.45
C GLY A 34 -9.68 14.40 13.78
N SER A 35 -8.69 15.29 13.79
CA SER A 35 -8.16 15.86 15.02
C SER A 35 -9.20 16.41 16.00
N GLU A 36 -10.07 17.32 15.55
CA GLU A 36 -11.11 17.88 16.44
C GLU A 36 -12.15 16.85 16.91
N LEU A 37 -12.44 15.85 16.07
CA LEU A 37 -13.38 14.84 16.48
C LEU A 37 -12.73 14.05 17.61
N ASN A 38 -11.45 13.66 17.46
CA ASN A 38 -10.75 12.96 18.52
C ASN A 38 -10.77 13.79 19.83
N PHE A 39 -10.47 15.07 19.70
CA PHE A 39 -10.55 16.01 20.82
C PHE A 39 -11.94 15.94 21.50
N CYS A 40 -13.00 16.05 20.72
CA CYS A 40 -14.40 16.00 21.24
C CYS A 40 -14.71 14.72 22.03
N ILE A 41 -14.24 13.56 21.54
CA ILE A 41 -14.39 12.28 22.24
C ILE A 41 -13.75 12.40 23.63
N ALA A 42 -12.53 12.95 23.67
CA ALA A 42 -11.82 13.13 24.95
C ALA A 42 -12.58 14.06 25.90
N VAL A 43 -13.19 15.11 25.37
CA VAL A 43 -13.97 16.06 26.18
C VAL A 43 -15.18 15.37 26.82
N VAL A 44 -15.92 14.61 26.00
CA VAL A 44 -17.09 13.94 26.55
C VAL A 44 -16.71 12.83 27.54
N ARG A 45 -15.59 12.11 27.30
CA ARG A 45 -15.10 11.09 28.22
C ARG A 45 -14.80 11.67 29.61
N ASN A 46 -14.44 12.95 29.63
CA ASN A 46 -14.30 13.72 30.89
C ASN A 46 -15.50 14.53 31.37
N HIS A 47 -16.67 14.21 30.83
CA HIS A 47 -17.97 14.61 31.42
C HIS A 47 -18.38 16.06 31.20
N LEU A 48 -17.91 16.65 30.11
CA LEU A 48 -18.41 17.94 29.66
C LEU A 48 -19.18 17.69 28.38
N SER A 49 -20.17 18.53 28.10
CA SER A 49 -20.85 18.47 26.81
C SER A 49 -19.98 19.13 25.75
N CYS A 50 -20.09 18.60 24.53
CA CYS A 50 -19.23 18.99 23.47
C CYS A 50 -19.93 18.89 22.12
N SER A 51 -19.74 19.92 21.31
CA SER A 51 -20.32 19.99 19.98
C SER A 51 -19.23 20.18 18.92
N LEU A 52 -19.31 19.40 17.85
CA LEU A 52 -18.45 19.53 16.69
C LEU A 52 -19.20 20.27 15.57
N ILE A 53 -18.68 21.44 15.24
CA ILE A 53 -19.15 22.18 14.08
C ILE A 53 -18.28 21.79 12.91
N ALA A 54 -18.94 21.26 11.88
CA ALA A 54 -18.25 20.62 10.75
C ALA A 54 -19.17 20.36 9.57
N ARG A 55 -18.59 20.03 8.42
CA ARG A 55 -19.42 19.48 7.33
C ARG A 55 -18.97 18.05 7.04
N VAL A 56 -19.92 17.22 6.61
CA VAL A 56 -19.57 15.91 6.03
C VAL A 56 -20.29 15.80 4.67
N GLY A 57 -19.91 14.83 3.82
CA GLY A 57 -20.61 14.60 2.55
C GLY A 57 -21.96 13.95 2.79
N ASN A 58 -22.83 14.02 1.78
CA ASN A 58 -24.08 13.28 1.81
C ASN A 58 -23.77 11.89 1.24
N ASP A 59 -23.10 11.07 2.06
CA ASP A 59 -22.57 9.77 1.62
C ASP A 59 -22.48 8.89 2.87
N GLU A 60 -22.12 7.63 2.69
CA GLU A 60 -22.05 6.64 3.79
C GLU A 60 -21.03 6.99 4.85
N PHE A 61 -19.87 7.43 4.40
CA PHE A 61 -18.81 7.90 5.27
C PHE A 61 -19.23 9.13 6.08
N GLY A 62 -19.97 10.05 5.49
CA GLY A 62 -20.51 11.19 6.29
C GLY A 62 -21.45 10.75 7.38
N LYS A 63 -22.34 9.83 7.00
CA LYS A 63 -23.31 9.25 7.95
C LYS A 63 -22.58 8.42 9.03
N ASN A 64 -21.54 7.68 8.66
CA ASN A 64 -20.66 6.97 9.61
C ASN A 64 -20.10 7.99 10.70
N ILE A 65 -19.71 9.17 10.25
CA ILE A 65 -19.17 10.20 11.16
C ILE A 65 -20.23 10.69 12.13
N ILE A 66 -21.42 10.99 11.64
CA ILE A 66 -22.47 11.55 12.50
C ILE A 66 -22.91 10.50 13.55
N GLU A 67 -23.04 9.24 13.11
CA GLU A 67 -23.59 8.16 13.93
C GLU A 67 -22.61 7.76 15.01
N TYR A 68 -21.35 7.60 14.61
CA TYR A 68 -20.27 7.41 15.55
C TYR A 68 -20.15 8.51 16.60
N SER A 69 -20.18 9.75 16.15
CA SER A 69 -20.07 10.89 17.06
C SER A 69 -21.23 10.89 18.08
N ARG A 70 -22.46 10.73 17.55
CA ARG A 70 -23.69 10.64 18.34
C ARG A 70 -23.58 9.45 19.31
N ALA A 71 -23.11 8.30 18.83
CA ALA A 71 -22.91 7.13 19.73
C ALA A 71 -22.08 7.48 20.98
N GLN A 72 -20.97 8.18 20.73
CA GLN A 72 -20.00 8.55 21.77
C GLN A 72 -20.40 9.77 22.61
N GLY A 73 -21.56 10.36 22.34
CA GLY A 73 -22.07 11.44 23.18
C GLY A 73 -21.71 12.86 22.74
N ILE A 74 -21.14 13.00 21.54
CA ILE A 74 -20.87 14.31 21.02
C ILE A 74 -22.19 14.84 20.48
N ASP A 75 -22.45 16.14 20.69
CA ASP A 75 -23.60 16.85 20.11
C ASP A 75 -23.31 17.02 18.62
N THR A 76 -24.17 16.46 17.76
CA THR A 76 -23.94 16.47 16.32
C THR A 76 -24.88 17.43 15.59
N SER A 77 -25.59 18.26 16.35
CA SER A 77 -26.60 19.15 15.76
C SER A 77 -25.98 20.14 14.76
N HIS A 78 -24.66 20.37 14.87
CA HIS A 78 -23.99 21.31 13.97
C HIS A 78 -23.00 20.67 13.04
N ILE A 79 -23.09 19.36 12.87
CA ILE A 79 -22.40 18.70 11.79
C ILE A 79 -23.37 18.77 10.58
N LYS A 80 -23.05 19.58 9.58
CA LYS A 80 -23.92 19.77 8.40
C LYS A 80 -23.59 18.77 7.31
N VAL A 81 -24.63 18.21 6.70
CA VAL A 81 -24.44 17.35 5.54
C VAL A 81 -24.34 18.28 4.32
N ASP A 82 -23.25 18.17 3.57
CA ASP A 82 -23.05 19.00 2.38
C ASP A 82 -23.14 18.11 1.11
N ASN A 83 -24.29 18.18 0.41
CA ASN A 83 -24.50 17.45 -0.84
C ASN A 83 -23.56 17.84 -2.00
N GLU A 84 -22.93 19.00 -1.92
CA GLU A 84 -22.06 19.43 -3.00
C GLU A 84 -20.69 18.71 -3.02
N SER A 85 -20.32 18.00 -1.95
CA SER A 85 -19.03 17.30 -2.00
C SER A 85 -18.98 16.05 -1.11
N PHE A 86 -17.81 15.41 -1.06
CA PHE A 86 -17.66 14.12 -0.46
C PHE A 86 -17.00 14.19 0.94
N THR A 87 -17.15 13.11 1.72
CA THR A 87 -16.44 12.98 3.04
C THR A 87 -14.96 12.63 2.85
N GLY A 88 -14.09 13.45 3.42
CA GLY A 88 -12.65 13.23 3.30
C GLY A 88 -12.16 12.01 4.06
N ILE A 89 -11.10 11.40 3.54
CA ILE A 89 -10.55 10.18 4.14
C ILE A 89 -9.04 10.25 4.09
N TYR A 90 -8.39 9.34 4.81
CA TYR A 90 -6.94 9.17 4.68
C TYR A 90 -6.52 7.76 5.02
N PHE A 91 -5.33 7.37 4.55
CA PHE A 91 -4.74 6.07 4.81
C PHE A 91 -3.54 6.25 5.70
N ILE A 92 -3.29 5.28 6.56
CA ILE A 92 -2.09 5.30 7.37
C ILE A 92 -1.17 4.16 6.94
N GLN A 93 0.02 4.53 6.50
CA GLN A 93 1.17 3.64 6.32
C GLN A 93 1.93 3.60 7.65
N ARG A 94 2.03 2.42 8.25
CA ARG A 94 2.61 2.23 9.60
C ARG A 94 4.01 1.58 9.50
N GLY A 95 4.98 2.17 10.20
CA GLY A 95 6.27 1.51 10.47
C GLY A 95 7.20 1.35 9.29
N TYR A 96 7.01 2.16 8.26
CA TYR A 96 7.87 2.11 7.10
C TYR A 96 7.87 3.50 6.44
N PRO A 97 9.07 4.10 6.24
CA PRO A 97 10.40 3.51 6.53
C PRO A 97 10.88 3.61 7.99
N ILE A 98 10.09 4.16 8.90
CA ILE A 98 10.50 4.31 10.31
C ILE A 98 9.65 3.49 11.28
N PRO A 99 10.25 2.47 11.91
CA PRO A 99 9.49 1.68 12.88
C PRO A 99 8.76 2.52 13.91
N MET A 100 7.57 2.06 14.31
CA MET A 100 6.77 2.71 15.35
C MET A 100 6.29 4.14 15.04
N LYS A 101 6.45 4.56 13.78
CA LYS A 101 5.91 5.85 13.28
C LYS A 101 4.92 5.60 12.11
N SER A 102 4.03 6.57 11.89
CA SER A 102 2.97 6.45 10.93
C SER A 102 3.05 7.63 9.97
N GLU A 103 2.56 7.41 8.75
CA GLU A 103 2.50 8.42 7.68
C GLU A 103 1.08 8.46 7.10
N LEU A 104 0.55 9.65 6.89
CA LEU A 104 -0.81 9.74 6.42
C LEU A 104 -0.87 10.08 4.93
N VAL A 105 -1.73 9.37 4.20
CA VAL A 105 -1.99 9.68 2.78
C VAL A 105 -3.45 10.19 2.67
N TYR A 106 -3.61 11.49 2.38
CA TYR A 106 -4.94 12.10 2.34
C TYR A 106 -5.64 12.01 0.99
N TYR A 107 -6.96 11.83 1.04
CA TYR A 107 -7.88 12.03 -0.09
C TYR A 107 -8.97 12.96 0.45
N ARG A 108 -8.66 14.26 0.51
CA ARG A 108 -9.53 15.22 1.18
C ARG A 108 -9.62 16.53 0.38
N LYS A 109 -8.87 16.62 -0.71
CA LYS A 109 -8.93 17.86 -1.51
C LYS A 109 -10.35 18.26 -1.97
N GLY A 110 -10.81 19.45 -1.60
CA GLY A 110 -12.15 19.90 -2.02
C GLY A 110 -13.31 19.15 -1.36
N SER A 111 -13.01 18.46 -0.24
CA SER A 111 -14.01 17.71 0.49
C SER A 111 -15.13 18.55 1.04
N ALA A 112 -16.23 17.90 1.42
CA ALA A 112 -17.32 18.55 2.17
C ALA A 112 -16.75 19.26 3.43
N GLY A 113 -15.91 18.55 4.19
CA GLY A 113 -15.28 19.09 5.38
C GLY A 113 -14.47 20.40 5.15
N SER A 114 -13.82 20.51 3.98
CA SER A 114 -13.04 21.70 3.65
C SER A 114 -13.92 22.94 3.40
N ARG A 115 -15.25 22.72 3.31
CA ARG A 115 -16.18 23.74 2.93
C ARG A 115 -16.79 24.40 4.15
N LEU A 116 -16.44 23.91 5.36
CA LEU A 116 -16.69 24.64 6.60
C LEU A 116 -16.46 26.16 6.41
N SER A 117 -17.45 26.98 6.78
CA SER A 117 -17.35 28.43 6.46
C SER A 117 -17.97 29.32 7.54
N PRO A 118 -17.70 30.65 7.51
CA PRO A 118 -18.27 31.53 8.55
C PRO A 118 -19.81 31.41 8.69
N GLU A 119 -20.47 31.14 7.56
CA GLU A 119 -21.91 30.88 7.53
C GLU A 119 -22.38 29.76 8.47
N ASP A 120 -21.52 28.77 8.74
CA ASP A 120 -21.81 27.69 9.72
C ASP A 120 -21.68 28.10 11.19
N ILE A 121 -21.13 29.28 11.43
CA ILE A 121 -20.81 29.73 12.78
C ILE A 121 -21.88 30.70 13.23
N ASN A 122 -22.83 30.21 14.03
CA ASN A 122 -23.85 31.05 14.67
C ASN A 122 -23.32 31.82 15.90
N GLU A 123 -23.52 33.14 15.88
CA GLU A 123 -23.06 34.04 16.94
C GLU A 123 -23.65 33.71 18.33
N ASN A 124 -24.98 33.55 18.44
CA ASN A 124 -25.59 33.19 19.73
C ASN A 124 -25.10 31.86 20.28
N TYR A 125 -24.95 30.88 19.40
CA TYR A 125 -24.53 29.53 19.79
C TYR A 125 -23.07 29.49 20.30
N VAL A 126 -22.16 30.16 19.61
CA VAL A 126 -20.78 30.22 20.07
C VAL A 126 -20.67 30.97 21.42
N ARG A 127 -21.42 32.06 21.57
CA ARG A 127 -21.39 32.89 22.77
C ARG A 127 -21.94 32.19 24.00
N ASN A 128 -22.86 31.23 23.82
CA ASN A 128 -23.38 30.43 24.94
C ASN A 128 -22.43 29.34 25.46
N SER A 129 -21.33 29.08 24.74
CA SER A 129 -20.39 28.05 25.17
C SER A 129 -19.29 28.60 26.06
N ARG A 130 -18.58 27.71 26.73
CA ARG A 130 -17.52 28.10 27.64
C ARG A 130 -16.19 28.27 26.94
N LEU A 131 -15.92 27.42 25.94
CA LEU A 131 -14.65 27.43 25.21
C LEU A 131 -14.85 26.93 23.77
N VAL A 132 -14.10 27.55 22.86
CA VAL A 132 -14.02 27.12 21.48
C VAL A 132 -12.64 26.63 21.12
N HIS A 133 -12.58 25.45 20.50
CA HIS A 133 -11.31 24.83 20.11
C HIS A 133 -11.14 24.64 18.61
N SER A 134 -9.91 24.78 18.11
CA SER A 134 -9.65 24.31 16.76
C SER A 134 -8.18 24.03 16.65
N THR A 135 -7.70 23.80 15.44
CA THR A 135 -6.30 23.38 15.24
C THR A 135 -5.74 23.99 13.96
N GLY A 136 -4.41 23.90 13.79
CA GLY A 136 -3.79 24.27 12.52
C GLY A 136 -4.21 23.45 11.29
N ILE A 137 -4.79 22.27 11.49
CA ILE A 137 -5.36 21.51 10.35
C ILE A 137 -6.52 22.28 9.74
N THR A 138 -7.44 22.70 10.61
CA THR A 138 -8.57 23.46 10.14
C THR A 138 -8.21 24.80 9.50
N LEU A 139 -7.13 25.43 9.98
CA LEU A 139 -6.63 26.68 9.40
C LEU A 139 -6.04 26.45 7.99
N ALA A 140 -5.51 25.23 7.77
CA ALA A 140 -4.92 24.80 6.50
C ALA A 140 -5.92 24.39 5.42
N ILE A 141 -7.05 23.80 5.79
CA ILE A 141 -7.82 23.08 4.76
C ILE A 141 -8.47 23.93 3.64
N SER A 142 -8.82 25.18 3.96
CA SER A 142 -9.32 26.14 2.98
C SER A 142 -9.33 27.52 3.65
N ASP A 143 -9.41 28.56 2.82
CA ASP A 143 -9.55 29.93 3.29
C ASP A 143 -10.82 30.10 4.09
N ASN A 144 -11.93 29.53 3.61
CA ASN A 144 -13.22 29.62 4.33
C ASN A 144 -13.26 28.88 5.70
N ALA A 145 -12.55 27.74 5.85
CA ALA A 145 -12.46 27.06 7.15
C ALA A 145 -11.63 27.90 8.14
N LYS A 146 -10.54 28.47 7.65
CA LYS A 146 -9.71 29.40 8.41
C LYS A 146 -10.56 30.59 8.89
N GLU A 147 -11.29 31.22 7.98
CA GLU A 147 -12.23 32.30 8.33
C GLU A 147 -13.33 31.88 9.32
N ALA A 148 -13.81 30.63 9.21
CA ALA A 148 -14.77 30.10 10.21
C ALA A 148 -14.13 30.11 11.64
N VAL A 149 -12.87 29.71 11.72
CA VAL A 149 -12.15 29.67 13.02
C VAL A 149 -11.97 31.10 13.57
N ILE A 150 -11.56 32.02 12.67
CA ILE A 150 -11.43 33.44 12.98
C ILE A 150 -12.71 33.98 13.57
N LYS A 151 -13.87 33.69 12.95
CA LYS A 151 -15.16 34.13 13.45
C LYS A 151 -15.54 33.51 14.81
N ALA A 152 -15.38 32.20 14.94
CA ALA A 152 -15.66 31.54 16.21
C ALA A 152 -14.78 32.08 17.32
N PHE A 153 -13.50 32.31 17.01
CA PHE A 153 -12.54 32.77 18.03
C PHE A 153 -12.90 34.20 18.49
N GLU A 154 -13.41 34.98 17.55
CA GLU A 154 -13.82 36.36 17.77
C GLU A 154 -15.03 36.39 18.73
N LEU A 155 -15.97 35.48 18.54
CA LEU A 155 -17.16 35.33 19.36
C LEU A 155 -16.96 34.59 20.72
N ALA A 156 -15.88 33.82 20.86
CA ALA A 156 -15.69 32.90 21.99
C ALA A 156 -15.40 33.61 23.30
N LYS A 157 -15.92 33.05 24.40
CA LYS A 157 -15.51 33.41 25.79
C LYS A 157 -14.07 33.06 26.09
N SER A 158 -13.63 31.90 25.62
CA SER A 158 -12.24 31.47 25.73
C SER A 158 -11.92 30.49 24.59
N ARG A 159 -10.63 30.28 24.35
CA ARG A 159 -10.19 29.52 23.19
C ARG A 159 -9.11 28.55 23.54
N SER A 160 -9.09 27.45 22.79
CA SER A 160 -7.94 26.55 22.80
CA SER A 160 -7.95 26.55 22.80
C SER A 160 -7.54 26.31 21.35
N LEU A 161 -6.26 26.03 21.12
CA LEU A 161 -5.74 25.79 19.78
C LEU A 161 -4.69 24.73 19.92
N ASP A 162 -4.76 23.71 19.07
CA ASP A 162 -3.64 22.79 18.90
C ASP A 162 -2.94 23.24 17.61
N THR A 163 -1.64 23.56 17.66
CA THR A 163 -0.95 24.04 16.45
C THR A 163 -1.01 23.00 15.30
N ASN A 164 -0.77 21.72 15.62
CA ASN A 164 -0.98 20.62 14.65
C ASN A 164 -0.61 21.00 13.20
N ILE A 165 0.67 21.38 12.97
CA ILE A 165 1.14 21.73 11.63
C ILE A 165 1.38 20.44 10.83
N ARG A 166 0.64 20.24 9.74
CA ARG A 166 0.86 19.09 8.82
C ARG A 166 1.39 19.72 7.54
N PRO A 167 2.70 19.66 7.32
CA PRO A 167 3.21 20.40 6.15
C PRO A 167 2.58 20.07 4.81
N LYS A 168 2.04 18.84 4.65
CA LYS A 168 1.41 18.42 3.40
C LYS A 168 0.17 19.21 3.07
N LEU A 169 -0.41 19.86 4.08
CA LEU A 169 -1.70 20.56 3.91
C LEU A 169 -1.52 22.03 3.56
N TRP A 170 -0.28 22.49 3.57
CA TRP A 170 0.03 23.92 3.38
C TRP A 170 0.87 24.13 2.12
N SER A 171 0.68 25.28 1.48
CA SER A 171 1.49 25.65 0.31
C SER A 171 2.98 25.80 0.67
N SER A 172 3.26 26.26 1.90
CA SER A 172 4.61 26.38 2.41
C SER A 172 4.56 26.41 3.92
N LEU A 173 5.68 26.16 4.56
CA LEU A 173 5.77 26.27 6.04
C LEU A 173 5.58 27.70 6.51
N GLU A 174 6.00 28.66 5.66
CA GLU A 174 5.82 30.09 5.92
C GLU A 174 4.36 30.43 6.05
N LYS A 175 3.54 29.93 5.12
CA LYS A 175 2.11 30.13 5.19
C LYS A 175 1.52 29.55 6.49
N ALA A 176 1.92 28.32 6.86
CA ALA A 176 1.49 27.72 8.12
C ALA A 176 1.85 28.64 9.26
N LYS A 177 3.15 28.98 9.32
CA LYS A 177 3.67 29.83 10.36
C LYS A 177 2.90 31.11 10.52
N GLU A 178 2.72 31.83 9.41
CA GLU A 178 2.06 33.16 9.38
CA GLU A 178 2.11 33.14 9.51
C GLU A 178 0.61 33.05 9.76
N THR A 179 -0.03 31.99 9.26
CA THR A 179 -1.45 31.82 9.56
C THR A 179 -1.64 31.55 11.07
N ILE A 180 -0.79 30.72 11.65
CA ILE A 180 -0.96 30.34 13.06
C ILE A 180 -0.54 31.51 13.97
N LEU A 181 0.60 32.14 13.66
CA LEU A 181 1.07 33.31 14.41
C LEU A 181 0.06 34.43 14.45
N SER A 182 -0.65 34.63 13.35
CA SER A 182 -1.66 35.68 13.25
C SER A 182 -2.86 35.44 14.18
N ILE A 183 -3.21 34.18 14.37
CA ILE A 183 -4.29 33.85 15.30
C ILE A 183 -3.78 34.12 16.73
N LEU A 184 -2.57 33.62 17.04
CA LEU A 184 -1.97 33.79 18.37
C LEU A 184 -1.84 35.27 18.74
N LYS A 185 -1.52 36.10 17.76
CA LYS A 185 -1.35 37.54 17.97
C LYS A 185 -2.69 38.27 18.12
N LYS A 186 -3.71 37.83 17.42
CA LYS A 186 -5.04 38.43 17.51
C LYS A 186 -5.87 38.04 18.77
N TYR A 187 -5.66 36.85 19.32
CA TYR A 187 -6.54 36.36 20.37
C TYR A 187 -5.78 35.93 21.58
N ASP A 188 -6.34 36.19 22.77
CA ASP A 188 -5.93 35.45 23.95
C ASP A 188 -6.22 33.96 23.69
N ILE A 189 -5.32 33.10 24.15
CA ILE A 189 -5.50 31.66 24.02
C ILE A 189 -5.36 31.08 25.43
N GLU A 190 -6.46 30.52 25.93
N GLU A 190 -6.46 30.53 25.94
CA GLU A 190 -6.48 29.92 27.28
CA GLU A 190 -6.47 29.92 27.28
C GLU A 190 -5.59 28.68 27.39
C GLU A 190 -5.54 28.71 27.36
N VAL A 191 -5.67 27.77 26.41
CA VAL A 191 -4.74 26.61 26.35
C VAL A 191 -4.20 26.44 24.93
N LEU A 192 -2.88 26.47 24.79
CA LEU A 192 -2.24 26.20 23.53
C LEU A 192 -1.56 24.86 23.65
N ILE A 193 -1.86 23.98 22.70
CA ILE A 193 -1.26 22.65 22.67
C ILE A 193 -0.28 22.65 21.52
N THR A 194 0.97 22.31 21.78
CA THR A 194 1.94 22.34 20.74
C THR A 194 3.12 21.45 21.09
N ASP A 195 4.20 21.50 20.30
CA ASP A 195 5.37 20.66 20.53
C ASP A 195 6.63 21.31 19.94
N PRO A 196 7.83 20.74 20.21
CA PRO A 196 9.08 21.28 19.62
C PRO A 196 9.09 21.46 18.08
N ASP A 197 8.53 20.52 17.30
CA ASP A 197 8.48 20.66 15.85
C ASP A 197 7.71 21.89 15.40
N ASP A 198 6.50 22.09 15.93
CA ASP A 198 5.73 23.24 15.52
C ASP A 198 6.30 24.55 16.06
N THR A 199 6.79 24.52 17.28
CA THR A 199 7.38 25.70 17.91
C THR A 199 8.72 26.14 17.24
N LYS A 200 9.51 25.19 16.78
CA LYS A 200 10.64 25.54 15.92
C LYS A 200 10.19 26.39 14.69
N ILE A 201 9.12 25.95 14.02
CA ILE A 201 8.53 26.66 12.88
C ILE A 201 8.01 28.02 13.35
N LEU A 202 7.26 28.04 14.45
CA LEU A 202 6.51 29.22 14.82
C LEU A 202 7.39 30.33 15.49
N LEU A 203 8.34 29.91 16.31
CA LEU A 203 9.09 30.80 17.17
C LEU A 203 10.60 30.65 17.06
N ASP A 204 11.06 29.68 16.28
CA ASP A 204 12.48 29.31 16.22
C ASP A 204 13.04 28.94 17.62
N VAL A 205 12.21 28.23 18.40
CA VAL A 205 12.49 27.80 19.78
C VAL A 205 12.05 26.32 19.90
N THR A 206 12.82 25.48 20.61
CA THR A 206 12.38 24.09 20.90
C THR A 206 12.39 23.85 22.40
N ASP A 207 13.24 24.60 23.13
CA ASP A 207 13.33 24.57 24.58
C ASP A 207 11.98 24.84 25.24
N PRO A 208 11.48 23.88 26.05
CA PRO A 208 10.20 24.02 26.73
C PRO A 208 10.04 25.31 27.56
N ASP A 209 11.00 25.60 28.45
CA ASP A 209 10.89 26.78 29.32
C ASP A 209 10.88 28.05 28.49
N GLU A 210 11.76 28.13 27.50
CA GLU A 210 11.72 29.29 26.60
C GLU A 210 10.43 29.39 25.77
N ALA A 211 9.96 28.24 25.24
CA ALA A 211 8.64 28.18 24.54
C ALA A 211 7.50 28.82 25.37
N TYR A 212 7.39 28.40 26.62
CA TYR A 212 6.45 29.00 27.53
C TYR A 212 6.59 30.51 27.62
N ARG A 213 7.84 30.96 27.83
CA ARG A 213 8.10 32.38 27.94
C ARG A 213 7.61 33.12 26.66
N LYS A 214 8.00 32.64 25.48
CA LYS A 214 7.56 33.33 24.22
C LYS A 214 6.05 33.25 23.96
N TYR A 215 5.45 32.08 24.20
CA TYR A 215 3.99 31.92 24.02
C TYR A 215 3.19 32.75 25.02
N LYS A 216 3.68 32.83 26.28
CA LYS A 216 3.07 33.67 27.30
C LYS A 216 3.02 35.14 26.85
N GLU A 217 4.11 35.60 26.25
CA GLU A 217 4.22 36.95 25.65
C GLU A 217 3.26 37.23 24.49
N LEU A 218 2.72 36.16 23.87
CA LEU A 218 1.68 36.26 22.83
C LEU A 218 0.25 36.17 23.39
N GLY A 219 0.10 36.03 24.71
CA GLY A 219 -1.23 35.96 25.32
C GLY A 219 -1.72 34.57 25.62
N VAL A 220 -0.85 33.56 25.62
CA VAL A 220 -1.25 32.21 25.99
C VAL A 220 -1.21 32.08 27.53
N LYS A 221 -2.31 31.59 28.13
CA LYS A 221 -2.41 31.37 29.61
C LYS A 221 -1.75 30.04 29.99
N VAL A 222 -2.25 28.93 29.40
CA VAL A 222 -1.70 27.60 29.65
C VAL A 222 -0.99 27.07 28.40
N LEU A 223 0.25 26.62 28.53
CA LEU A 223 0.92 25.91 27.47
C LEU A 223 0.98 24.41 27.82
N LEU A 224 0.45 23.59 26.91
CA LEU A 224 0.66 22.14 26.93
C LEU A 224 1.66 21.81 25.84
N TYR A 225 2.85 21.39 26.27
CA TYR A 225 3.99 21.12 25.42
C TYR A 225 4.28 19.60 25.37
N LYS A 226 3.96 18.99 24.21
CA LYS A 226 4.01 17.55 24.06
C LYS A 226 5.41 17.12 23.65
N LEU A 227 5.98 16.13 24.34
CA LEU A 227 7.35 15.67 24.02
C LEU A 227 7.45 14.22 23.51
N GLY A 228 6.33 13.69 22.99
CA GLY A 228 6.32 12.32 22.47
C GLY A 228 6.72 11.29 23.51
N SER A 229 7.72 10.49 23.18
CA SER A 229 8.13 9.40 24.06
C SER A 229 8.93 9.89 25.26
N LYS A 230 9.15 11.22 25.33
CA LYS A 230 9.72 11.87 26.51
C LYS A 230 8.65 12.49 27.43
N GLY A 231 7.38 12.31 27.11
CA GLY A 231 6.34 12.82 27.97
C GLY A 231 5.72 14.13 27.51
N ALA A 232 5.35 14.97 28.48
CA ALA A 232 4.74 16.27 28.17
C ALA A 232 4.90 17.23 29.36
N ILE A 233 4.78 18.54 29.08
CA ILE A 233 4.92 19.57 30.12
C ILE A 233 3.75 20.53 30.05
N ALA A 234 3.24 20.95 31.20
CA ALA A 234 2.20 21.99 31.24
C ALA A 234 2.73 23.20 32.00
N TYR A 235 2.38 24.42 31.57
CA TYR A 235 2.78 25.67 32.24
C TYR A 235 1.54 26.53 32.46
N LYS A 236 1.40 27.04 33.67
CA LYS A 236 0.44 28.11 33.94
C LYS A 236 1.01 29.04 35.03
N ASP A 237 0.88 30.36 34.84
CA ASP A 237 1.30 31.38 35.83
C ASP A 237 2.68 31.08 36.41
N ASN A 238 3.67 30.90 35.53
CA ASN A 238 5.05 30.66 35.96
C ASN A 238 5.28 29.39 36.82
N VAL A 239 4.30 28.48 36.79
CA VAL A 239 4.45 27.11 37.32
C VAL A 239 4.56 26.08 36.17
N LYS A 240 5.58 25.23 36.24
CA LYS A 240 5.75 24.09 35.34
C LYS A 240 5.37 22.75 36.02
N ALA A 241 4.71 21.87 35.26
CA ALA A 241 4.48 20.48 35.64
C ALA A 241 5.03 19.57 34.54
N PHE A 242 5.85 18.58 34.88
CA PHE A 242 6.35 17.59 33.91
C PHE A 242 5.79 16.21 34.27
N LYS A 243 5.39 15.44 33.26
CA LYS A 243 5.05 14.04 33.47
C LYS A 243 5.73 13.23 32.36
N ASP A 244 6.50 12.22 32.76
CA ASP A 244 7.19 11.38 31.79
C ASP A 244 6.16 10.45 31.11
N ALA A 245 6.49 10.05 29.89
CA ALA A 245 5.72 9.09 29.16
C ALA A 245 5.97 7.69 29.78
N TYR A 246 5.02 6.79 29.50
CA TYR A 246 5.11 5.39 29.85
C TYR A 246 5.59 4.60 28.67
N LYS A 247 6.36 3.56 28.97
CA LYS A 247 6.82 2.63 27.98
C LYS A 247 5.69 1.62 27.68
N VAL A 248 5.19 1.66 26.44
CA VAL A 248 4.22 0.67 25.91
C VAL A 248 4.54 0.30 24.46
N PRO A 249 4.05 -0.86 23.98
CA PRO A 249 4.29 -1.08 22.55
C PRO A 249 3.41 -0.16 21.67
N VAL A 250 4.01 0.48 20.68
CA VAL A 250 3.30 1.42 19.82
C VAL A 250 2.74 0.70 18.59
N GLU A 251 1.42 0.69 18.48
CA GLU A 251 0.76 0.20 17.26
C GLU A 251 0.63 1.36 16.24
N ASP A 252 0.12 2.50 16.70
CA ASP A 252 -0.12 3.66 15.86
C ASP A 252 -0.23 4.87 16.77
N PRO A 253 0.74 5.81 16.66
CA PRO A 253 0.60 7.00 17.50
C PRO A 253 -0.41 8.06 17.03
N THR A 254 -1.00 7.89 15.83
CA THR A 254 -1.92 8.91 15.25
C THR A 254 -3.06 9.30 16.23
N GLY A 255 -3.23 10.60 16.49
CA GLY A 255 -4.27 11.03 17.40
C GLY A 255 -3.91 11.05 18.89
N ALA A 256 -2.71 10.61 19.25
CA ALA A 256 -2.25 10.62 20.67
C ALA A 256 -2.31 12.02 21.29
N GLY A 257 -2.01 13.04 20.48
CA GLY A 257 -2.00 14.41 20.98
C GLY A 257 -3.40 14.95 21.17
N ASP A 258 -4.31 14.52 20.31
CA ASP A 258 -5.73 14.94 20.45
C ASP A 258 -6.36 14.37 21.71
N ALA A 259 -6.06 13.11 22.02
CA ALA A 259 -6.55 12.46 23.26
C ALA A 259 -6.02 13.26 24.43
N MET A 260 -4.72 13.52 24.43
CA MET A 260 -4.07 14.33 25.47
C MET A 260 -4.69 15.73 25.63
N ALA A 261 -4.83 16.44 24.52
CA ALA A 261 -5.33 17.81 24.51
C ALA A 261 -6.78 17.91 24.95
N GLY A 262 -7.64 17.08 24.39
CA GLY A 262 -9.07 17.09 24.78
C GLY A 262 -9.23 16.72 26.25
N THR A 263 -8.44 15.77 26.74
CA THR A 263 -8.51 15.38 28.14
C THR A 263 -8.03 16.57 29.01
N PHE A 264 -6.84 17.09 28.66
CA PHE A 264 -6.25 18.21 29.40
C PHE A 264 -7.22 19.38 29.49
N VAL A 265 -7.72 19.85 28.34
CA VAL A 265 -8.63 20.97 28.30
C VAL A 265 -9.96 20.74 29.06
N SER A 266 -10.62 19.58 28.89
CA SER A 266 -11.89 19.38 29.59
C SER A 266 -11.70 19.31 31.13
N LEU A 267 -10.57 18.77 31.58
CA LEU A 267 -10.32 18.68 33.03
C LEU A 267 -9.96 20.06 33.60
N TYR A 268 -9.15 20.80 32.85
CA TYR A 268 -8.79 22.15 33.22
C TYR A 268 -10.00 23.10 33.37
N LEU A 269 -10.87 23.11 32.36
CA LEU A 269 -12.19 23.76 32.40
C LEU A 269 -13.04 23.44 33.65
N GLN A 270 -12.95 22.20 34.13
CA GLN A 270 -13.66 21.70 35.31
C GLN A 270 -12.96 22.07 36.62
N GLY A 271 -11.85 22.80 36.55
CA GLY A 271 -11.15 23.23 37.75
C GLY A 271 -10.03 22.34 38.23
N LYS A 272 -9.72 21.27 37.51
CA LYS A 272 -8.55 20.45 37.88
C LYS A 272 -7.26 21.23 37.68
N ASP A 273 -6.29 21.01 38.56
CA ASP A 273 -5.00 21.71 38.37
C ASP A 273 -4.20 21.17 37.17
N ILE A 274 -3.14 21.86 36.78
CA ILE A 274 -2.41 21.47 35.58
C ILE A 274 -1.68 20.13 35.77
N GLU A 275 -1.28 19.83 37.03
N GLU A 275 -1.29 19.84 37.02
CA GLU A 275 -0.59 18.58 37.39
CA GLU A 275 -0.59 18.61 37.38
C GLU A 275 -1.49 17.38 37.09
C GLU A 275 -1.48 17.37 37.11
N TYR A 276 -2.72 17.42 37.62
CA TYR A 276 -3.77 16.39 37.39
C TYR A 276 -4.25 16.29 35.91
N SER A 277 -4.62 17.41 35.33
CA SER A 277 -4.97 17.53 33.90
C SER A 277 -3.90 16.91 32.99
N LEU A 278 -2.63 17.22 33.27
CA LEU A 278 -1.48 16.66 32.55
C LEU A 278 -1.29 15.13 32.68
N ALA A 279 -1.35 14.62 33.91
CA ALA A 279 -1.17 13.22 34.17
C ALA A 279 -2.31 12.43 33.46
N HIS A 280 -3.52 12.98 33.46
CA HIS A 280 -4.65 12.36 32.77
C HIS A 280 -4.44 12.40 31.22
N GLY A 281 -3.80 13.46 30.70
CA GLY A 281 -3.54 13.61 29.28
C GLY A 281 -2.52 12.56 28.87
N ILE A 282 -1.52 12.32 29.74
CA ILE A 282 -0.49 11.31 29.45
C ILE A 282 -1.13 9.92 29.48
N ALA A 283 -2.09 9.74 30.39
CA ALA A 283 -2.79 8.45 30.49
C ALA A 283 -3.57 8.19 29.18
N ALA A 284 -4.31 9.20 28.72
CA ALA A 284 -5.11 9.11 27.50
C ALA A 284 -4.25 8.78 26.27
N SER A 285 -3.15 9.51 26.08
CA SER A 285 -2.20 9.24 24.99
C SER A 285 -1.58 7.87 25.02
N THR A 286 -1.19 7.42 26.22
CA THR A 286 -0.58 6.11 26.38
C THR A 286 -1.57 5.02 25.89
N LEU A 287 -2.82 5.12 26.29
CA LEU A 287 -3.79 4.10 25.86
C LEU A 287 -4.01 4.09 24.33
N VAL A 288 -4.29 5.25 23.75
CA VAL A 288 -4.54 5.27 22.28
C VAL A 288 -3.45 4.75 21.35
N ILE A 289 -2.18 4.95 21.67
CA ILE A 289 -1.08 4.51 20.81
C ILE A 289 -0.85 2.99 20.80
N THR A 290 -1.43 2.28 21.76
CA THR A 290 -1.32 0.81 21.79
C THR A 290 -2.17 0.13 20.72
N VAL A 291 -3.06 0.88 20.04
CA VAL A 291 -3.95 0.31 19.03
C VAL A 291 -4.03 1.14 17.72
N ARG A 292 -4.64 0.56 16.71
CA ARG A 292 -4.87 1.22 15.45
C ARG A 292 -5.85 2.43 15.52
N GLY A 293 -6.98 2.36 16.20
CA GLY A 293 -7.82 3.60 16.16
C GLY A 293 -7.32 4.79 16.97
N ASP A 294 -7.88 6.00 16.79
CA ASP A 294 -7.37 7.23 17.49
C ASP A 294 -8.02 7.46 18.84
N ASN A 295 -9.28 7.03 18.99
CA ASN A 295 -10.11 7.56 20.09
C ASN A 295 -10.97 6.55 20.90
N GLU A 296 -11.05 5.31 20.43
CA GLU A 296 -11.78 4.23 21.13
C GLU A 296 -11.21 3.96 22.53
N LEU A 297 -9.89 4.07 22.71
CA LEU A 297 -9.24 3.81 24.01
C LEU A 297 -9.02 5.07 24.85
N THR A 298 -9.50 6.22 24.38
CA THR A 298 -9.45 7.46 25.20
C THR A 298 -10.25 7.20 26.48
N PRO A 299 -9.57 7.23 27.66
CA PRO A 299 -10.27 6.86 28.90
C PRO A 299 -11.21 7.94 29.45
N THR A 300 -12.17 7.49 30.25
CA THR A 300 -13.03 8.40 31.00
C THR A 300 -12.13 8.92 32.12
N LEU A 301 -12.58 9.97 32.78
CA LEU A 301 -11.81 10.50 33.91
C LEU A 301 -11.54 9.39 34.95
N GLU A 302 -12.55 8.58 35.24
CA GLU A 302 -12.39 7.54 36.28
C GLU A 302 -11.43 6.41 35.86
N ASP A 303 -11.47 6.06 34.57
CA ASP A 303 -10.56 5.04 34.03
C ASP A 303 -9.10 5.54 33.99
N ALA A 304 -8.91 6.81 33.62
CA ALA A 304 -7.58 7.46 33.65
C ALA A 304 -6.97 7.50 35.08
N GLU A 305 -7.80 7.85 36.07
CA GLU A 305 -7.39 7.66 37.50
C GLU A 305 -6.95 6.24 37.88
N ARG A 306 -7.72 5.22 37.46
CA ARG A 306 -7.29 3.84 37.62
C ARG A 306 -5.93 3.62 36.96
N PHE A 307 -5.79 4.04 35.70
CA PHE A 307 -4.53 3.93 34.98
C PHE A 307 -3.33 4.47 35.83
N LEU A 308 -3.46 5.71 36.27
CA LEU A 308 -2.44 6.42 37.02
C LEU A 308 -2.15 5.78 38.39
N ASN A 309 -3.20 5.28 39.06
CA ASN A 309 -3.00 4.59 40.34
C ASN A 309 -2.44 3.17 40.20
N GLU A 310 -2.64 2.52 39.06
CA GLU A 310 -2.31 1.11 38.97
C GLU A 310 -1.19 0.79 37.99
N PHE A 311 -1.07 1.56 36.90
CA PHE A 311 -0.10 1.22 35.85
C PHE A 311 1.32 1.68 36.25
N LYS A 312 2.28 0.74 36.30
CA LYS A 312 3.67 1.11 36.52
C LYS A 312 4.57 0.66 35.36
N VAL B 2 3.17 -4.75 -29.95
CA VAL B 2 2.08 -5.36 -29.12
C VAL B 2 0.78 -5.60 -29.91
N ASP B 3 0.01 -6.64 -29.56
CA ASP B 3 -1.20 -6.97 -30.30
C ASP B 3 -2.33 -5.99 -29.99
N VAL B 4 -2.52 -5.73 -28.70
CA VAL B 4 -3.63 -4.90 -28.23
C VAL B 4 -3.06 -3.78 -27.37
N ILE B 5 -3.57 -2.58 -27.61
CA ILE B 5 -3.34 -1.42 -26.76
C ILE B 5 -4.68 -1.01 -26.14
N ALA B 6 -4.72 -0.84 -24.81
CA ALA B 6 -5.92 -0.26 -24.16
C ALA B 6 -5.52 1.07 -23.52
N LEU B 7 -6.45 2.02 -23.49
CA LEU B 7 -6.22 3.34 -22.91
C LEU B 7 -7.19 3.42 -21.74
N GLY B 8 -6.70 3.80 -20.57
CA GLY B 8 -7.60 3.86 -19.45
C GLY B 8 -7.01 4.39 -18.18
N GLU B 9 -7.83 4.41 -17.12
CA GLU B 9 -7.35 4.76 -15.78
C GLU B 9 -7.43 3.53 -14.90
N PRO B 10 -6.27 2.93 -14.58
CA PRO B 10 -6.27 1.82 -13.63
C PRO B 10 -6.46 2.40 -12.23
N LEU B 11 -7.02 1.59 -11.32
CA LEU B 11 -7.48 2.14 -10.05
C LEU B 11 -7.21 1.12 -8.95
N ILE B 12 -7.11 1.60 -7.71
CA ILE B 12 -7.01 0.71 -6.56
C ILE B 12 -8.42 0.54 -6.08
N GLN B 13 -8.84 -0.71 -5.90
CA GLN B 13 -10.16 -1.03 -5.38
C GLN B 13 -10.11 -1.38 -3.89
N PHE B 14 -11.05 -0.83 -3.11
CA PHE B 14 -11.15 -1.20 -1.69
C PHE B 14 -12.49 -1.91 -1.51
N ASN B 15 -12.41 -3.22 -1.40
CA ASN B 15 -13.58 -4.07 -1.43
C ASN B 15 -14.03 -4.39 0.01
N SER B 16 -15.26 -4.06 0.35
CA SER B 16 -15.80 -4.38 1.69
C SER B 16 -15.71 -5.84 1.98
N PHE B 17 -15.18 -6.12 3.16
CA PHE B 17 -14.96 -7.48 3.56
C PHE B 17 -16.30 -8.24 3.73
N ASN B 18 -17.33 -7.52 4.16
CA ASN B 18 -18.66 -8.06 4.35
C ASN B 18 -19.65 -7.22 3.57
N PRO B 19 -20.80 -7.80 3.19
CA PRO B 19 -21.83 -6.98 2.57
C PRO B 19 -22.43 -5.89 3.49
N GLY B 20 -23.07 -4.90 2.87
CA GLY B 20 -23.85 -3.90 3.58
C GLY B 20 -23.41 -2.47 3.38
N PRO B 21 -24.13 -1.54 4.00
CA PRO B 21 -23.80 -0.12 3.85
C PRO B 21 -22.39 0.13 4.34
N LEU B 22 -21.63 0.92 3.59
CA LEU B 22 -20.24 1.21 3.99
C LEU B 22 -20.05 1.67 5.46
N ARG B 23 -21.03 2.37 6.04
CA ARG B 23 -20.84 2.83 7.41
C ARG B 23 -20.76 1.70 8.43
N PHE B 24 -21.25 0.53 8.04
CA PHE B 24 -21.17 -0.64 8.89
C PHE B 24 -20.02 -1.59 8.53
N VAL B 25 -19.27 -1.29 7.49
CA VAL B 25 -18.14 -2.12 7.10
C VAL B 25 -16.90 -1.66 7.85
N ASN B 26 -16.13 -2.61 8.42
CA ASN B 26 -14.96 -2.29 9.22
C ASN B 26 -13.65 -2.59 8.55
N TYR B 27 -13.70 -3.54 7.60
CA TYR B 27 -12.53 -4.05 6.91
C TYR B 27 -12.68 -3.98 5.38
N PHE B 28 -11.61 -3.56 4.71
CA PHE B 28 -11.56 -3.41 3.25
C PHE B 28 -10.41 -4.20 2.70
N GLU B 29 -10.67 -4.98 1.67
CA GLU B 29 -9.67 -5.77 1.02
C GLU B 29 -9.22 -5.07 -0.28
N LYS B 30 -7.91 -4.87 -0.42
CA LYS B 30 -7.33 -4.11 -1.55
C LYS B 30 -7.16 -5.01 -2.79
N HIS B 31 -7.61 -4.50 -3.95
CA HIS B 31 -7.36 -5.14 -5.24
C HIS B 31 -6.93 -4.13 -6.28
N VAL B 32 -6.24 -4.59 -7.31
CA VAL B 32 -5.90 -3.71 -8.46
C VAL B 32 -6.91 -3.98 -9.55
N ALA B 33 -7.49 -2.89 -10.04
CA ALA B 33 -8.62 -2.94 -10.95
C ALA B 33 -8.65 -1.67 -11.85
N GLY B 34 -9.84 -1.17 -12.19
CA GLY B 34 -9.96 -0.28 -13.36
C GLY B 34 -10.34 -1.10 -14.60
N SER B 35 -11.40 -0.67 -15.28
CA SER B 35 -12.00 -1.39 -16.40
C SER B 35 -11.02 -1.89 -17.45
N GLU B 36 -10.19 -0.99 -18.02
CA GLU B 36 -9.24 -1.38 -19.07
C GLU B 36 -8.08 -2.19 -18.55
N LEU B 37 -7.66 -1.93 -17.32
CA LEU B 37 -6.71 -2.88 -16.63
C LEU B 37 -7.27 -4.33 -16.58
N ASN B 38 -8.50 -4.49 -16.06
CA ASN B 38 -9.23 -5.75 -16.05
C ASN B 38 -9.28 -6.35 -17.49
N PHE B 39 -9.68 -5.53 -18.47
CA PHE B 39 -9.62 -5.93 -19.89
C PHE B 39 -8.27 -6.46 -20.30
N CYS B 40 -7.20 -5.72 -20.01
CA CYS B 40 -5.84 -6.20 -20.35
C CYS B 40 -5.43 -7.54 -19.76
N ILE B 41 -5.80 -7.76 -18.49
CA ILE B 41 -5.55 -9.03 -17.82
C ILE B 41 -6.14 -10.16 -18.64
N ALA B 42 -7.41 -10.00 -19.06
CA ALA B 42 -8.11 -11.00 -19.88
C ALA B 42 -7.44 -11.24 -21.24
N VAL B 43 -6.96 -10.17 -21.89
CA VAL B 43 -6.16 -10.27 -23.11
C VAL B 43 -4.93 -11.15 -22.93
N VAL B 44 -4.10 -10.86 -21.92
CA VAL B 44 -2.88 -11.63 -21.75
C VAL B 44 -3.18 -13.08 -21.32
N ARG B 45 -4.28 -13.31 -20.60
CA ARG B 45 -4.70 -14.68 -20.20
C ARG B 45 -5.06 -15.56 -21.42
N ASN B 46 -5.34 -14.91 -22.55
CA ASN B 46 -5.69 -15.58 -23.79
C ASN B 46 -4.60 -15.40 -24.83
N HIS B 47 -3.42 -15.10 -24.32
CA HIS B 47 -2.16 -15.28 -25.05
C HIS B 47 -1.88 -14.24 -26.16
N LEU B 48 -2.45 -13.03 -26.05
CA LEU B 48 -1.96 -11.87 -26.82
C LEU B 48 -1.15 -10.94 -25.91
N SER B 49 -0.18 -10.22 -26.48
CA SER B 49 0.54 -9.18 -25.75
C SER B 49 -0.41 -7.97 -25.67
N CYS B 50 -0.31 -7.22 -24.58
CA CYS B 50 -1.22 -6.15 -24.33
C CYS B 50 -0.53 -5.02 -23.56
N SER B 51 -0.64 -3.80 -24.06
CA SER B 51 -0.05 -2.67 -23.37
C SER B 51 -1.19 -1.80 -22.83
N LEU B 52 -1.05 -1.31 -21.57
CA LEU B 52 -1.97 -0.31 -21.06
C LEU B 52 -1.31 1.10 -21.10
N ILE B 53 -2.00 2.02 -21.78
CA ILE B 53 -1.58 3.41 -21.80
C ILE B 53 -2.40 4.14 -20.77
N ALA B 54 -1.69 4.69 -19.79
CA ALA B 54 -2.32 5.24 -18.58
C ALA B 54 -1.33 6.12 -17.80
N ARG B 55 -1.86 6.84 -16.81
CA ARG B 55 -1.02 7.52 -15.86
C ARG B 55 -1.38 6.95 -14.49
N VAL B 56 -0.39 6.87 -13.60
CA VAL B 56 -0.61 6.64 -12.17
C VAL B 56 0.11 7.78 -11.42
N GLY B 57 -0.15 7.92 -10.12
CA GLY B 57 0.58 8.84 -9.24
C GLY B 57 1.95 8.35 -8.84
N ASN B 58 2.79 9.29 -8.40
CA ASN B 58 4.07 8.94 -7.84
C ASN B 58 3.85 8.62 -6.33
N ASP B 59 3.14 7.53 -6.08
CA ASP B 59 2.73 7.16 -4.73
C ASP B 59 2.71 5.63 -4.62
N GLU B 60 2.54 5.11 -3.40
CA GLU B 60 2.41 3.65 -3.20
C GLU B 60 1.36 2.97 -4.11
N PHE B 61 0.21 3.58 -4.22
CA PHE B 61 -0.88 2.98 -5.02
C PHE B 61 -0.58 2.90 -6.51
N GLY B 62 0.16 3.88 -7.01
CA GLY B 62 0.61 3.85 -8.41
C GLY B 62 1.66 2.76 -8.63
N LYS B 63 2.65 2.66 -7.71
CA LYS B 63 3.66 1.58 -7.78
C LYS B 63 2.92 0.23 -7.71
N ASN B 64 1.90 0.13 -6.84
CA ASN B 64 1.06 -1.07 -6.73
C ASN B 64 0.54 -1.50 -8.11
N ILE B 65 0.03 -0.51 -8.85
CA ILE B 65 -0.62 -0.78 -10.13
C ILE B 65 0.36 -1.29 -11.15
N ILE B 66 1.52 -0.66 -11.21
CA ILE B 66 2.56 -1.03 -12.15
C ILE B 66 3.10 -2.41 -11.83
N GLU B 67 3.42 -2.66 -10.54
CA GLU B 67 3.95 -3.95 -10.14
C GLU B 67 2.98 -5.10 -10.38
N TYR B 68 1.72 -4.89 -10.04
CA TYR B 68 0.68 -5.88 -10.28
C TYR B 68 0.54 -6.17 -11.79
N SER B 69 0.48 -5.13 -12.61
CA SER B 69 0.38 -5.30 -14.07
C SER B 69 1.56 -6.09 -14.63
N ARG B 70 2.77 -5.72 -14.18
CA ARG B 70 4.03 -6.38 -14.53
C ARG B 70 3.99 -7.87 -14.14
N ALA B 71 3.63 -8.16 -12.89
CA ALA B 71 3.39 -9.52 -12.42
C ALA B 71 2.44 -10.32 -13.34
N GLN B 72 1.37 -9.69 -13.81
CA GLN B 72 0.35 -10.37 -14.60
C GLN B 72 0.67 -10.42 -16.11
N GLY B 73 1.83 -9.87 -16.50
CA GLY B 73 2.29 -9.96 -17.90
C GLY B 73 1.78 -8.86 -18.80
N ILE B 74 1.11 -7.86 -18.22
CA ILE B 74 0.78 -6.67 -19.01
C ILE B 74 2.05 -5.88 -19.28
N ASP B 75 2.21 -5.42 -20.52
CA ASP B 75 3.28 -4.53 -20.91
C ASP B 75 2.97 -3.17 -20.23
N THR B 76 3.89 -2.73 -19.37
CA THR B 76 3.73 -1.52 -18.59
C THR B 76 4.63 -0.37 -19.07
N SER B 77 5.28 -0.53 -20.23
CA SER B 77 6.13 0.53 -20.82
C SER B 77 5.43 1.91 -20.90
N HIS B 78 4.10 1.91 -21.05
CA HIS B 78 3.36 3.14 -21.29
C HIS B 78 2.41 3.53 -20.14
N ILE B 79 2.63 2.94 -18.97
CA ILE B 79 1.97 3.44 -17.77
C ILE B 79 2.95 4.47 -17.18
N LYS B 80 2.60 5.74 -17.29
CA LYS B 80 3.49 6.83 -16.91
C LYS B 80 3.20 7.27 -15.48
N VAL B 81 4.26 7.50 -14.71
CA VAL B 81 4.13 8.04 -13.37
C VAL B 81 4.04 9.56 -13.48
N ASP B 82 2.99 10.13 -12.92
CA ASP B 82 2.72 11.55 -12.98
C ASP B 82 2.80 12.18 -11.58
N ASN B 83 3.88 12.92 -11.34
CA ASN B 83 4.14 13.55 -10.06
C ASN B 83 3.19 14.62 -9.64
N GLU B 84 2.40 15.10 -10.59
CA GLU B 84 1.47 16.18 -10.32
C GLU B 84 0.18 15.79 -9.61
N SER B 85 -0.13 14.50 -9.57
CA SER B 85 -1.35 14.10 -8.89
C SER B 85 -1.30 12.69 -8.28
N PHE B 86 -2.43 12.25 -7.76
CA PHE B 86 -2.49 11.03 -6.98
C PHE B 86 -3.17 9.90 -7.80
N THR B 87 -2.90 8.66 -7.40
CA THR B 87 -3.55 7.48 -7.96
C THR B 87 -4.99 7.37 -7.43
N GLY B 88 -5.93 7.32 -8.37
CA GLY B 88 -7.36 7.23 -8.11
C GLY B 88 -7.73 5.92 -7.40
N ILE B 89 -8.72 6.00 -6.54
CA ILE B 89 -9.14 4.79 -5.80
C ILE B 89 -10.67 4.74 -5.78
N TYR B 90 -11.24 3.61 -5.38
CA TYR B 90 -12.69 3.57 -5.15
C TYR B 90 -13.00 2.52 -4.11
N PHE B 91 -14.18 2.62 -3.53
CA PHE B 91 -14.67 1.67 -2.55
C PHE B 91 -15.84 0.91 -3.15
N ILE B 92 -15.97 -0.38 -2.83
CA ILE B 92 -17.15 -1.17 -3.24
C ILE B 92 -18.02 -1.48 -2.03
N GLN B 93 -19.26 -0.96 -2.10
CA GLN B 93 -20.32 -1.35 -1.23
C GLN B 93 -21.08 -2.53 -1.87
N ARG B 94 -21.17 -3.66 -1.18
CA ARG B 94 -21.70 -4.89 -1.78
C ARG B 94 -23.05 -5.29 -1.18
N GLY B 95 -23.99 -5.76 -2.00
CA GLY B 95 -25.24 -6.39 -1.49
C GLY B 95 -26.24 -5.47 -0.79
N TYR B 96 -26.10 -4.16 -0.97
CA TYR B 96 -26.99 -3.20 -0.30
C TYR B 96 -27.03 -1.93 -1.14
N PRO B 97 -28.22 -1.49 -1.56
CA PRO B 97 -29.57 -2.04 -1.19
C PRO B 97 -30.07 -3.20 -2.07
N ILE B 98 -29.24 -3.65 -3.01
CA ILE B 98 -29.64 -4.72 -3.93
C ILE B 98 -28.73 -5.93 -3.73
N PRO B 99 -29.29 -7.07 -3.28
CA PRO B 99 -28.48 -8.27 -3.10
C PRO B 99 -27.79 -8.66 -4.40
N MET B 100 -26.60 -9.25 -4.26
CA MET B 100 -25.74 -9.72 -5.36
C MET B 100 -25.38 -8.65 -6.42
N LYS B 101 -25.57 -7.37 -6.09
CA LYS B 101 -25.02 -6.26 -6.88
C LYS B 101 -24.14 -5.37 -5.98
N SER B 102 -23.39 -4.48 -6.61
CA SER B 102 -22.43 -3.62 -5.90
C SER B 102 -22.56 -2.16 -6.35
N GLU B 103 -22.05 -1.25 -5.51
CA GLU B 103 -22.02 0.16 -5.82
C GLU B 103 -20.61 0.67 -5.55
N LEU B 104 -20.20 1.62 -6.37
CA LEU B 104 -18.85 2.17 -6.29
C LEU B 104 -18.87 3.60 -5.80
N VAL B 105 -17.95 3.91 -4.88
CA VAL B 105 -17.75 5.26 -4.38
C VAL B 105 -16.33 5.65 -4.79
N TYR B 106 -16.22 6.62 -5.70
CA TYR B 106 -14.95 7.04 -6.25
C TYR B 106 -14.22 8.13 -5.50
N TYR B 107 -12.90 7.98 -5.46
CA TYR B 107 -11.96 9.04 -5.02
C TYR B 107 -10.93 9.20 -6.13
N ARG B 108 -11.31 9.93 -7.18
CA ARG B 108 -10.54 9.98 -8.42
C ARG B 108 -10.61 11.35 -9.11
N LYS B 109 -11.34 12.31 -8.57
CA LYS B 109 -11.44 13.62 -9.22
C LYS B 109 -10.07 14.29 -9.27
N GLY B 110 -9.60 14.63 -10.48
CA GLY B 110 -8.34 15.32 -10.64
C GLY B 110 -7.17 14.39 -10.47
N SER B 111 -7.43 13.07 -10.46
CA SER B 111 -6.39 12.07 -10.28
C SER B 111 -5.34 12.16 -11.38
N ALA B 112 -4.22 11.50 -11.14
CA ALA B 112 -3.21 11.30 -12.16
C ALA B 112 -3.77 10.58 -13.39
N GLY B 113 -4.56 9.52 -13.16
CA GLY B 113 -5.16 8.77 -14.26
C GLY B 113 -6.00 9.66 -15.18
N SER B 114 -6.67 10.67 -14.61
CA SER B 114 -7.53 11.59 -15.38
C SER B 114 -6.69 12.57 -16.24
N ARG B 115 -5.37 12.50 -16.08
CA ARG B 115 -4.48 13.40 -16.77
C ARG B 115 -3.94 12.75 -18.04
N LEU B 116 -4.31 11.48 -18.30
CA LEU B 116 -4.08 10.86 -19.60
C LEU B 116 -4.45 11.91 -20.69
N SER B 117 -3.60 12.09 -21.71
CA SER B 117 -3.86 13.15 -22.70
C SER B 117 -3.28 12.78 -24.09
N PRO B 118 -3.65 13.52 -25.16
CA PRO B 118 -3.04 13.29 -26.45
C PRO B 118 -1.52 13.13 -26.53
N GLU B 119 -0.75 13.89 -25.75
CA GLU B 119 0.70 13.74 -25.73
C GLU B 119 1.19 12.37 -25.30
N ASP B 120 0.36 11.58 -24.57
CA ASP B 120 0.73 10.19 -24.16
C ASP B 120 0.56 9.17 -25.29
N ILE B 121 0.03 9.63 -26.42
CA ILE B 121 -0.35 8.76 -27.56
C ILE B 121 0.60 9.04 -28.73
N ASN B 122 1.58 8.16 -28.92
CA ASN B 122 2.54 8.22 -30.02
C ASN B 122 1.97 7.55 -31.26
N GLU B 123 2.06 8.21 -32.39
CA GLU B 123 1.44 7.70 -33.61
C GLU B 123 2.07 6.38 -34.08
N ASN B 124 3.40 6.26 -34.12
CA ASN B 124 4.06 5.01 -34.54
C ASN B 124 3.77 3.82 -33.61
N TYR B 125 3.70 4.08 -32.31
CA TYR B 125 3.38 3.00 -31.36
C TYR B 125 1.96 2.46 -31.55
N VAL B 126 0.99 3.34 -31.71
CA VAL B 126 -0.39 2.91 -31.88
C VAL B 126 -0.61 2.20 -33.22
N ARG B 127 0.01 2.72 -34.29
CA ARG B 127 -0.13 2.17 -35.63
C ARG B 127 0.42 0.73 -35.71
N ASN B 128 1.47 0.52 -34.93
CA ASN B 128 2.15 -0.74 -34.72
C ASN B 128 1.29 -1.84 -34.06
N SER B 129 0.11 -1.52 -33.52
CA SER B 129 -0.66 -2.54 -32.80
C SER B 129 -1.77 -3.06 -33.68
N ARG B 130 -2.39 -4.18 -33.29
CA ARG B 130 -3.51 -4.78 -34.04
C ARG B 130 -4.87 -4.16 -33.76
N LEU B 131 -5.09 -3.79 -32.50
CA LEU B 131 -6.37 -3.21 -32.08
C LEU B 131 -6.16 -2.28 -30.91
N VAL B 132 -7.01 -1.27 -30.82
CA VAL B 132 -7.06 -0.31 -29.71
C VAL B 132 -8.43 -0.36 -29.05
N HIS B 133 -8.39 -0.55 -27.72
CA HIS B 133 -9.59 -0.64 -26.89
C HIS B 133 -9.69 0.55 -25.93
N SER B 134 -10.91 1.03 -25.70
CA SER B 134 -11.16 1.89 -24.54
C SER B 134 -12.61 1.80 -24.17
N THR B 135 -13.05 2.67 -23.26
CA THR B 135 -14.42 2.60 -22.73
C THR B 135 -14.96 3.97 -22.46
N GLY B 136 -16.27 4.04 -22.27
CA GLY B 136 -16.94 5.26 -21.90
C GLY B 136 -16.50 5.81 -20.58
N ILE B 137 -15.88 4.99 -19.75
CA ILE B 137 -15.31 5.54 -18.51
C ILE B 137 -14.14 6.53 -18.82
N THR B 138 -13.22 6.10 -19.67
CA THR B 138 -12.12 6.95 -20.06
C THR B 138 -12.60 8.19 -20.83
N LEU B 139 -13.71 8.06 -21.56
CA LEU B 139 -14.28 9.21 -22.26
C LEU B 139 -14.88 10.23 -21.28
N ALA B 140 -15.26 9.77 -20.09
CA ALA B 140 -15.89 10.61 -19.05
C ALA B 140 -14.92 11.30 -18.09
N ILE B 141 -13.72 10.76 -17.91
CA ILE B 141 -12.94 11.18 -16.73
C ILE B 141 -12.34 12.59 -16.89
N SER B 142 -12.13 13.01 -18.14
CA SER B 142 -11.67 14.36 -18.40
C SER B 142 -11.77 14.58 -19.89
N ASP B 143 -11.68 15.84 -20.30
CA ASP B 143 -11.72 16.18 -21.72
C ASP B 143 -10.47 15.66 -22.42
N ASN B 144 -9.32 15.75 -21.76
CA ASN B 144 -8.06 15.33 -22.40
C ASN B 144 -7.94 13.80 -22.56
N ALA B 145 -8.45 13.05 -21.59
CA ALA B 145 -8.50 11.58 -21.69
C ALA B 145 -9.41 11.15 -22.85
N LYS B 146 -10.59 11.78 -22.95
CA LYS B 146 -11.48 11.66 -24.12
C LYS B 146 -10.73 11.94 -25.43
N GLU B 147 -9.97 13.05 -25.48
CA GLU B 147 -9.23 13.41 -26.69
C GLU B 147 -8.12 12.40 -26.97
N ALA B 148 -7.52 11.84 -25.90
CA ALA B 148 -6.49 10.78 -26.05
C ALA B 148 -7.08 9.52 -26.72
N VAL B 149 -8.33 9.20 -26.42
CA VAL B 149 -8.99 8.04 -27.01
C VAL B 149 -9.35 8.33 -28.49
N ILE B 150 -9.95 9.49 -28.71
CA ILE B 150 -10.24 9.93 -30.08
C ILE B 150 -8.97 9.81 -30.93
N LYS B 151 -7.84 10.31 -30.44
CA LYS B 151 -6.59 10.25 -31.20
C LYS B 151 -6.08 8.81 -31.42
N ALA B 152 -6.09 7.99 -30.37
CA ALA B 152 -5.72 6.57 -30.49
C ALA B 152 -6.62 5.83 -31.51
N PHE B 153 -7.92 6.07 -31.47
CA PHE B 153 -8.87 5.46 -32.42
C PHE B 153 -8.62 5.90 -33.88
N GLU B 154 -8.22 7.16 -34.09
CA GLU B 154 -7.90 7.66 -35.44
C GLU B 154 -6.75 6.87 -36.01
N LEU B 155 -5.78 6.58 -35.15
CA LEU B 155 -4.52 5.95 -35.54
C LEU B 155 -4.61 4.42 -35.68
N ALA B 156 -5.62 3.82 -35.04
CA ALA B 156 -5.65 2.36 -34.85
C ALA B 156 -5.98 1.57 -36.15
N LYS B 157 -5.40 0.38 -36.29
CA LYS B 157 -5.83 -0.57 -37.36
C LYS B 157 -7.28 -1.02 -37.16
N SER B 158 -7.66 -1.25 -35.90
CA SER B 158 -9.01 -1.68 -35.54
C SER B 158 -9.27 -1.26 -34.07
N ARG B 159 -10.54 -1.23 -33.71
CA ARG B 159 -11.03 -0.62 -32.48
C ARG B 159 -12.06 -1.51 -31.77
N SER B 160 -11.91 -1.63 -30.45
CA SER B 160 -13.03 -2.07 -29.62
CA SER B 160 -12.99 -2.10 -29.58
C SER B 160 -13.40 -0.98 -28.60
N LEU B 161 -14.66 -0.94 -28.21
CA LEU B 161 -15.16 0.02 -27.23
C LEU B 161 -16.18 -0.70 -26.35
N ASP B 162 -16.06 -0.53 -25.03
CA ASP B 162 -17.14 -0.95 -24.13
C ASP B 162 -17.78 0.39 -23.75
N THR B 163 -19.09 0.53 -23.96
CA THR B 163 -19.78 1.78 -23.67
C THR B 163 -19.65 2.18 -22.18
N ASN B 164 -19.78 1.19 -21.27
CA ASN B 164 -19.54 1.41 -19.85
C ASN B 164 -19.99 2.80 -19.33
N ILE B 165 -21.29 3.10 -19.44
CA ILE B 165 -21.80 4.35 -18.91
C ILE B 165 -21.98 4.28 -17.38
N ARG B 166 -21.20 5.09 -16.67
CA ARG B 166 -21.33 5.23 -15.25
C ARG B 166 -21.90 6.62 -15.06
N PRO B 167 -23.19 6.72 -14.73
CA PRO B 167 -23.82 8.02 -14.57
C PRO B 167 -23.11 9.01 -13.62
N LYS B 168 -22.45 8.52 -12.56
CA LYS B 168 -21.72 9.37 -11.60
C LYS B 168 -20.53 10.13 -12.19
N LEU B 169 -19.99 9.60 -13.30
CA LEU B 169 -18.84 10.17 -13.98
C LEU B 169 -19.19 11.22 -15.04
N TRP B 170 -20.47 11.40 -15.32
CA TRP B 170 -20.93 12.34 -16.34
C TRP B 170 -21.70 13.51 -15.71
N SER B 171 -21.64 14.67 -16.35
CA SER B 171 -22.49 15.80 -15.90
C SER B 171 -23.98 15.54 -16.18
N SER B 172 -24.27 14.85 -17.28
CA SER B 172 -25.63 14.39 -17.54
C SER B 172 -25.55 13.14 -18.41
N LEU B 173 -26.64 12.38 -18.46
CA LEU B 173 -26.77 11.27 -19.42
C LEU B 173 -26.77 11.77 -20.86
N GLU B 174 -27.32 12.97 -21.08
CA GLU B 174 -27.23 13.56 -22.42
C GLU B 174 -25.75 13.73 -22.86
N LYS B 175 -24.90 14.22 -21.95
CA LYS B 175 -23.49 14.35 -22.29
C LYS B 175 -22.85 12.98 -22.60
N ALA B 176 -23.18 11.94 -21.82
CA ALA B 176 -22.67 10.57 -22.13
C ALA B 176 -23.06 10.14 -23.55
N LYS B 177 -24.35 10.31 -23.85
CA LYS B 177 -24.94 9.91 -25.14
C LYS B 177 -24.27 10.65 -26.29
N GLU B 178 -24.13 11.98 -26.16
CA GLU B 178 -23.53 12.78 -27.23
C GLU B 178 -22.05 12.40 -27.45
N THR B 179 -21.35 12.11 -26.36
CA THR B 179 -19.92 11.84 -26.44
C THR B 179 -19.69 10.46 -27.06
N ILE B 180 -20.42 9.45 -26.57
CA ILE B 180 -20.30 8.08 -27.10
C ILE B 180 -20.85 7.96 -28.53
N LEU B 181 -22.05 8.51 -28.80
CA LEU B 181 -22.60 8.51 -30.18
C LEU B 181 -21.67 9.14 -31.19
N SER B 182 -21.03 10.26 -30.82
CA SER B 182 -20.08 10.91 -31.72
C SER B 182 -18.91 9.98 -32.09
N ILE B 183 -18.35 9.22 -31.13
CA ILE B 183 -17.29 8.23 -31.45
C ILE B 183 -17.78 7.12 -32.42
N LEU B 184 -19.01 6.63 -32.19
CA LEU B 184 -19.61 5.56 -32.98
C LEU B 184 -19.88 5.99 -34.43
N LYS B 185 -20.39 7.22 -34.61
CA LYS B 185 -20.61 7.78 -35.94
C LYS B 185 -19.31 8.04 -36.68
N LYS B 186 -18.26 8.43 -35.95
CA LYS B 186 -16.98 8.71 -36.57
C LYS B 186 -16.16 7.48 -37.00
N TYR B 187 -16.23 6.40 -36.22
CA TYR B 187 -15.33 5.27 -36.44
C TYR B 187 -16.04 3.95 -36.77
N ASP B 188 -15.32 3.10 -37.49
CA ASP B 188 -15.69 1.69 -37.55
C ASP B 188 -15.33 1.13 -36.17
N ILE B 189 -16.17 0.25 -35.65
CA ILE B 189 -15.89 -0.45 -34.39
C ILE B 189 -15.95 -1.93 -34.65
N GLU B 190 -14.83 -2.61 -34.55
CA GLU B 190 -14.78 -4.06 -34.80
C GLU B 190 -15.62 -4.87 -33.77
N VAL B 191 -15.41 -4.58 -32.47
CA VAL B 191 -16.22 -5.15 -31.40
C VAL B 191 -16.75 -4.02 -30.52
N LEU B 192 -18.06 -3.86 -30.47
CA LEU B 192 -18.65 -2.98 -29.50
C LEU B 192 -19.25 -3.84 -28.35
N ILE B 193 -18.89 -3.51 -27.11
CA ILE B 193 -19.42 -4.19 -25.92
C ILE B 193 -20.39 -3.24 -25.24
N THR B 194 -21.62 -3.69 -25.06
CA THR B 194 -22.59 -2.82 -24.43
C THR B 194 -23.69 -3.64 -23.78
N ASP B 195 -24.77 -2.98 -23.37
CA ASP B 195 -25.89 -3.65 -22.71
C ASP B 195 -27.13 -2.79 -22.89
N PRO B 196 -28.31 -3.31 -22.48
CA PRO B 196 -29.58 -2.59 -22.57
C PRO B 196 -29.59 -1.21 -21.89
N ASP B 197 -29.04 -1.12 -20.69
CA ASP B 197 -29.01 0.13 -19.96
C ASP B 197 -28.35 1.21 -20.77
N ASP B 198 -27.14 0.94 -21.28
CA ASP B 198 -26.42 1.91 -22.13
C ASP B 198 -27.08 2.16 -23.47
N THR B 199 -27.59 1.08 -24.09
CA THR B 199 -28.27 1.17 -25.37
C THR B 199 -29.59 1.92 -25.24
N LYS B 200 -30.27 1.83 -24.10
CA LYS B 200 -31.46 2.69 -23.86
C LYS B 200 -31.05 4.18 -24.00
N ILE B 201 -30.00 4.57 -23.28
CA ILE B 201 -29.44 5.92 -23.37
C ILE B 201 -28.98 6.31 -24.80
N LEU B 202 -28.27 5.43 -25.49
CA LEU B 202 -27.65 5.81 -26.78
C LEU B 202 -28.64 5.79 -27.96
N LEU B 203 -29.56 4.83 -27.95
CA LEU B 203 -30.41 4.52 -29.09
C LEU B 203 -31.92 4.54 -28.78
N ASP B 204 -32.28 4.69 -27.51
CA ASP B 204 -33.69 4.64 -27.07
C ASP B 204 -34.36 3.32 -27.50
N VAL B 205 -33.56 2.26 -27.57
CA VAL B 205 -34.05 0.88 -27.75
C VAL B 205 -33.43 -0.06 -26.69
N THR B 206 -34.11 -1.16 -26.34
CA THR B 206 -33.44 -2.21 -25.56
C THR B 206 -33.41 -3.58 -26.24
N ASP B 207 -34.36 -3.80 -27.16
CA ASP B 207 -34.43 -5.07 -27.89
C ASP B 207 -33.10 -5.42 -28.57
N PRO B 208 -32.54 -6.59 -28.23
CA PRO B 208 -31.24 -6.93 -28.78
C PRO B 208 -31.14 -6.87 -30.33
N ASP B 209 -32.15 -7.40 -31.04
CA ASP B 209 -32.08 -7.45 -32.51
C ASP B 209 -32.09 -6.06 -33.12
N GLU B 210 -32.87 -5.18 -32.51
CA GLU B 210 -33.01 -3.82 -32.95
C GLU B 210 -31.71 -3.03 -32.66
N ALA B 211 -31.16 -3.22 -31.47
CA ALA B 211 -29.86 -2.67 -31.08
C ALA B 211 -28.84 -3.06 -32.14
N TYR B 212 -28.72 -4.36 -32.45
CA TYR B 212 -27.77 -4.75 -33.50
C TYR B 212 -28.01 -4.05 -34.85
N ARG B 213 -29.28 -4.00 -35.29
CA ARG B 213 -29.63 -3.29 -36.52
C ARG B 213 -29.09 -1.83 -36.54
N LYS B 214 -29.38 -1.06 -35.50
CA LYS B 214 -28.90 0.33 -35.39
C LYS B 214 -27.39 0.43 -35.25
N TYR B 215 -26.79 -0.33 -34.34
CA TYR B 215 -25.34 -0.35 -34.21
C TYR B 215 -24.60 -0.70 -35.48
N LYS B 216 -25.12 -1.71 -36.19
CA LYS B 216 -24.55 -2.08 -37.48
C LYS B 216 -24.56 -0.89 -38.50
N GLU B 217 -25.60 -0.05 -38.46
CA GLU B 217 -25.65 1.15 -39.33
C GLU B 217 -24.56 2.17 -38.94
N LEU B 218 -24.04 2.03 -37.72
CA LEU B 218 -23.05 2.95 -37.16
C LEU B 218 -21.63 2.45 -37.40
N GLY B 219 -21.53 1.33 -38.13
CA GLY B 219 -20.24 0.76 -38.46
C GLY B 219 -19.72 -0.22 -37.42
N VAL B 220 -20.60 -0.74 -36.55
CA VAL B 220 -20.21 -1.84 -35.64
C VAL B 220 -20.19 -3.21 -36.38
N LYS B 221 -19.04 -3.85 -36.49
CA LYS B 221 -18.96 -5.18 -37.07
C LYS B 221 -19.57 -6.26 -36.15
N VAL B 222 -18.99 -6.40 -34.95
CA VAL B 222 -19.43 -7.39 -33.94
C VAL B 222 -19.97 -6.69 -32.73
N LEU B 223 -21.19 -7.05 -32.36
CA LEU B 223 -21.83 -6.55 -31.14
C LEU B 223 -21.82 -7.65 -30.04
N LEU B 224 -21.24 -7.30 -28.88
CA LEU B 224 -21.36 -8.09 -27.65
C LEU B 224 -22.37 -7.40 -26.70
N TYR B 225 -23.50 -8.06 -26.48
CA TYR B 225 -24.62 -7.43 -25.82
C TYR B 225 -24.86 -8.20 -24.54
N LYS B 226 -24.43 -7.60 -23.45
CA LYS B 226 -24.39 -8.22 -22.11
C LYS B 226 -25.74 -8.17 -21.45
N LEU B 227 -26.15 -9.27 -20.85
CA LEU B 227 -27.46 -9.26 -20.20
C LEU B 227 -27.38 -9.64 -18.72
N GLY B 228 -26.20 -9.52 -18.11
CA GLY B 228 -26.04 -9.84 -16.68
C GLY B 228 -26.46 -11.27 -16.36
N SER B 229 -27.39 -11.45 -15.41
CA SER B 229 -27.77 -12.81 -14.96
C SER B 229 -28.55 -13.57 -16.03
N LYS B 230 -28.84 -12.90 -17.16
CA LYS B 230 -29.52 -13.55 -18.29
C LYS B 230 -28.52 -14.06 -19.35
N GLY B 231 -27.24 -13.82 -19.16
CA GLY B 231 -26.26 -14.26 -20.13
C GLY B 231 -25.83 -13.15 -21.06
N ALA B 232 -25.46 -13.49 -22.29
CA ALA B 232 -25.06 -12.49 -23.29
C ALA B 232 -25.34 -12.98 -24.72
N ILE B 233 -25.42 -12.04 -25.65
CA ILE B 233 -25.57 -12.31 -27.08
C ILE B 233 -24.44 -11.66 -27.87
N ALA B 234 -23.87 -12.42 -28.80
CA ALA B 234 -22.96 -11.85 -29.78
C ALA B 234 -23.57 -11.84 -31.20
N TYR B 235 -23.35 -10.75 -31.95
CA TYR B 235 -23.85 -10.62 -33.32
C TYR B 235 -22.70 -10.33 -34.22
N LYS B 236 -22.70 -10.97 -35.41
CA LYS B 236 -21.77 -10.67 -36.47
C LYS B 236 -22.47 -11.00 -37.80
N ASP B 237 -22.54 -10.02 -38.71
CA ASP B 237 -23.12 -10.21 -40.06
C ASP B 237 -24.56 -10.70 -39.85
N ASN B 238 -24.90 -11.90 -40.28
CA ASN B 238 -26.26 -12.38 -39.94
C ASN B 238 -26.30 -13.61 -39.02
N VAL B 239 -25.29 -13.70 -38.14
CA VAL B 239 -25.22 -14.73 -37.09
C VAL B 239 -25.54 -14.06 -35.75
N LYS B 240 -26.33 -14.76 -34.92
CA LYS B 240 -26.64 -14.32 -33.55
C LYS B 240 -26.34 -15.53 -32.63
N ALA B 241 -25.40 -15.37 -31.69
CA ALA B 241 -25.08 -16.45 -30.72
C ALA B 241 -25.53 -15.99 -29.33
N PHE B 242 -26.26 -16.84 -28.61
CA PHE B 242 -26.75 -16.54 -27.26
C PHE B 242 -26.24 -17.63 -26.34
N LYS B 243 -25.74 -17.25 -25.17
CA LYS B 243 -25.42 -18.24 -24.11
C LYS B 243 -25.95 -17.72 -22.77
N ASP B 244 -26.65 -18.59 -22.02
CA ASP B 244 -27.18 -18.28 -20.68
CA ASP B 244 -27.18 -18.20 -20.72
C ASP B 244 -26.03 -18.04 -19.72
N ALA B 245 -26.29 -17.23 -18.69
CA ALA B 245 -25.39 -17.09 -17.55
C ALA B 245 -25.45 -18.41 -16.79
N TYR B 246 -24.41 -18.68 -16.00
CA TYR B 246 -24.42 -19.80 -15.06
C TYR B 246 -24.78 -19.33 -13.66
N LYS B 247 -25.55 -20.17 -12.96
CA LYS B 247 -25.90 -19.95 -11.54
C LYS B 247 -24.72 -20.28 -10.60
N VAL B 248 -24.13 -19.24 -10.02
CA VAL B 248 -23.04 -19.38 -9.05
C VAL B 248 -23.31 -18.42 -7.89
N PRO B 249 -22.73 -18.67 -6.70
CA PRO B 249 -22.91 -17.63 -5.67
C PRO B 249 -22.11 -16.37 -6.01
N VAL B 250 -22.79 -15.24 -5.98
CA VAL B 250 -22.22 -13.97 -6.33
C VAL B 250 -21.64 -13.27 -5.10
N GLU B 251 -20.33 -13.09 -5.09
CA GLU B 251 -19.69 -12.22 -4.11
C GLU B 251 -19.67 -10.74 -4.58
N ASP B 252 -19.29 -10.51 -5.85
CA ASP B 252 -19.17 -9.13 -6.36
C ASP B 252 -19.13 -9.21 -7.88
N PRO B 253 -20.14 -8.67 -8.54
CA PRO B 253 -20.07 -8.73 -10.01
C PRO B 253 -19.19 -7.63 -10.67
N THR B 254 -18.56 -6.78 -9.87
CA THR B 254 -17.76 -5.67 -10.41
C THR B 254 -16.63 -6.22 -11.31
N GLY B 255 -16.48 -5.68 -12.53
CA GLY B 255 -15.45 -6.19 -13.46
C GLY B 255 -15.86 -7.37 -14.32
N ALA B 256 -17.06 -7.90 -14.10
CA ALA B 256 -17.53 -9.08 -14.84
C ALA B 256 -17.56 -8.77 -16.36
N GLY B 257 -18.07 -7.60 -16.70
CA GLY B 257 -18.14 -7.12 -18.08
C GLY B 257 -16.76 -7.02 -18.70
N ASP B 258 -15.76 -6.57 -17.91
CA ASP B 258 -14.40 -6.42 -18.46
C ASP B 258 -13.76 -7.74 -18.73
N ALA B 259 -13.96 -8.68 -17.81
CA ALA B 259 -13.47 -10.05 -17.99
C ALA B 259 -14.05 -10.67 -19.29
N MET B 260 -15.34 -10.54 -19.51
CA MET B 260 -16.02 -11.00 -20.71
C MET B 260 -15.47 -10.28 -21.98
N ALA B 261 -15.39 -8.95 -21.90
CA ALA B 261 -14.97 -8.10 -23.03
C ALA B 261 -13.53 -8.40 -23.50
N GLY B 262 -12.58 -8.47 -22.57
CA GLY B 262 -11.17 -8.70 -22.92
C GLY B 262 -10.95 -10.12 -23.40
N THR B 263 -11.66 -11.04 -22.79
CA THR B 263 -11.68 -12.45 -23.27
C THR B 263 -12.25 -12.53 -24.69
N PHE B 264 -13.43 -11.97 -24.91
CA PHE B 264 -14.09 -12.01 -26.21
C PHE B 264 -13.21 -11.40 -27.30
N VAL B 265 -12.77 -10.16 -27.08
CA VAL B 265 -11.99 -9.44 -28.08
C VAL B 265 -10.70 -10.16 -28.44
N SER B 266 -10.00 -10.67 -27.42
CA SER B 266 -8.70 -11.31 -27.59
CA SER B 266 -8.69 -11.28 -27.64
C SER B 266 -8.84 -12.61 -28.37
N LEU B 267 -9.95 -13.29 -28.16
CA LEU B 267 -10.17 -14.58 -28.84
C LEU B 267 -10.63 -14.29 -30.26
N TYR B 268 -11.54 -13.34 -30.42
CA TYR B 268 -11.99 -12.93 -31.74
C TYR B 268 -10.85 -12.52 -32.69
N LEU B 269 -9.90 -11.76 -32.13
CA LEU B 269 -8.73 -11.28 -32.84
C LEU B 269 -7.86 -12.41 -33.34
N GLN B 270 -7.79 -13.49 -32.58
CA GLN B 270 -7.00 -14.65 -33.00
C GLN B 270 -7.73 -15.70 -33.86
N GLY B 271 -8.89 -15.35 -34.41
CA GLY B 271 -9.59 -16.23 -35.34
C GLY B 271 -10.77 -17.03 -34.78
N LYS B 272 -11.00 -17.00 -33.47
CA LYS B 272 -12.07 -17.80 -32.88
C LYS B 272 -13.37 -17.24 -33.35
N ASP B 273 -14.38 -18.07 -33.57
CA ASP B 273 -15.69 -17.56 -33.95
C ASP B 273 -16.42 -16.87 -32.76
N ILE B 274 -17.56 -16.25 -33.02
CA ILE B 274 -18.21 -15.45 -31.99
C ILE B 274 -18.81 -16.32 -30.87
N GLU B 275 -19.20 -17.55 -31.22
CA GLU B 275 -19.77 -18.46 -30.25
C GLU B 275 -18.73 -18.87 -29.20
N TYR B 276 -17.58 -19.34 -29.69
CA TYR B 276 -16.43 -19.67 -28.89
C TYR B 276 -15.98 -18.50 -28.00
N SER B 277 -15.86 -17.32 -28.62
CA SER B 277 -15.45 -16.07 -27.94
C SER B 277 -16.50 -15.68 -26.86
N LEU B 278 -17.76 -15.77 -27.22
CA LEU B 278 -18.87 -15.54 -26.31
C LEU B 278 -18.88 -16.49 -25.11
N ALA B 279 -18.63 -17.77 -25.38
CA ALA B 279 -18.74 -18.81 -24.36
C ALA B 279 -17.57 -18.66 -23.40
N HIS B 280 -16.38 -18.39 -23.91
CA HIS B 280 -15.24 -18.09 -23.06
C HIS B 280 -15.43 -16.81 -22.23
N GLY B 281 -16.03 -15.78 -22.82
CA GLY B 281 -16.48 -14.56 -22.13
C GLY B 281 -17.36 -14.83 -20.90
N ILE B 282 -18.37 -15.67 -21.09
CA ILE B 282 -19.32 -16.05 -20.06
C ILE B 282 -18.59 -16.82 -18.96
N ALA B 283 -17.67 -17.69 -19.38
CA ALA B 283 -16.90 -18.48 -18.46
C ALA B 283 -16.03 -17.55 -17.58
N ALA B 284 -15.34 -16.62 -18.23
CA ALA B 284 -14.52 -15.60 -17.49
C ALA B 284 -15.34 -14.77 -16.49
N SER B 285 -16.49 -14.29 -16.91
CA SER B 285 -17.37 -13.52 -16.05
C SER B 285 -17.93 -14.32 -14.85
N THR B 286 -18.28 -15.59 -15.09
CA THR B 286 -18.82 -16.48 -14.04
C THR B 286 -17.83 -16.66 -12.92
N LEU B 287 -16.55 -16.87 -13.29
CA LEU B 287 -15.47 -17.06 -12.33
C LEU B 287 -15.22 -15.81 -11.49
N VAL B 288 -15.12 -14.65 -12.14
CA VAL B 288 -14.81 -13.43 -11.38
C VAL B 288 -15.87 -12.99 -10.43
N ILE B 289 -17.14 -13.20 -10.76
CA ILE B 289 -18.20 -12.74 -9.85
C ILE B 289 -18.29 -13.55 -8.52
N THR B 290 -17.57 -14.67 -8.46
CA THR B 290 -17.60 -15.50 -7.23
C THR B 290 -16.70 -14.98 -6.10
N VAL B 291 -15.85 -13.98 -6.40
CA VAL B 291 -14.91 -13.47 -5.39
C VAL B 291 -14.90 -11.93 -5.33
N ARG B 292 -14.32 -11.38 -4.25
CA ARG B 292 -13.94 -9.99 -4.21
C ARG B 292 -12.71 -9.90 -5.10
N GLY B 293 -12.69 -8.92 -5.98
CA GLY B 293 -11.59 -8.88 -6.91
C GLY B 293 -12.10 -9.09 -8.32
N ASP B 294 -11.72 -8.16 -9.19
CA ASP B 294 -12.20 -8.13 -10.54
C ASP B 294 -11.58 -9.11 -11.49
N ASN B 295 -10.30 -9.43 -11.28
CA ASN B 295 -9.50 -10.03 -12.38
C ASN B 295 -8.56 -11.19 -12.05
N GLU B 296 -8.46 -11.55 -10.76
CA GLU B 296 -7.54 -12.60 -10.32
C GLU B 296 -8.01 -13.94 -10.87
N LEU B 297 -9.34 -14.08 -11.02
CA LEU B 297 -9.96 -15.34 -11.46
C LEU B 297 -10.32 -15.38 -12.93
N THR B 298 -10.01 -14.30 -13.67
CA THR B 298 -10.09 -14.34 -15.15
C THR B 298 -9.25 -15.54 -15.68
N PRO B 299 -9.90 -16.51 -16.35
CA PRO B 299 -9.20 -17.74 -16.75
C PRO B 299 -8.35 -17.57 -18.00
N THR B 300 -7.26 -18.35 -18.08
CA THR B 300 -6.52 -18.50 -19.33
C THR B 300 -7.45 -19.16 -20.34
N LEU B 301 -7.07 -19.11 -21.63
CA LEU B 301 -7.80 -19.86 -22.68
C LEU B 301 -8.12 -21.33 -22.26
N GLU B 302 -7.09 -22.04 -21.84
CA GLU B 302 -7.17 -23.45 -21.54
C GLU B 302 -8.08 -23.68 -20.31
N ASP B 303 -7.97 -22.82 -19.29
CA ASP B 303 -8.85 -22.93 -18.11
C ASP B 303 -10.32 -22.67 -18.43
N ALA B 304 -10.60 -21.75 -19.36
CA ALA B 304 -11.98 -21.47 -19.76
C ALA B 304 -12.62 -22.67 -20.54
N GLU B 305 -11.82 -23.34 -21.35
CA GLU B 305 -12.21 -24.57 -22.01
C GLU B 305 -12.54 -25.65 -20.97
N ARG B 306 -11.69 -25.81 -19.96
CA ARG B 306 -11.97 -26.76 -18.87
C ARG B 306 -13.31 -26.42 -18.27
N PHE B 307 -13.47 -25.16 -17.84
CA PHE B 307 -14.75 -24.68 -17.34
C PHE B 307 -15.94 -25.08 -18.23
N LEU B 308 -15.82 -24.79 -19.52
CA LEU B 308 -16.94 -25.00 -20.44
C LEU B 308 -17.25 -26.49 -20.61
N ASN B 309 -16.20 -27.31 -20.60
CA ASN B 309 -16.33 -28.76 -20.77
C ASN B 309 -16.84 -29.45 -19.51
N GLU B 310 -16.57 -28.90 -18.33
CA GLU B 310 -16.82 -29.60 -17.08
C GLU B 310 -17.93 -29.04 -16.22
N PHE B 311 -18.11 -27.73 -16.23
CA PHE B 311 -19.06 -27.10 -15.31
C PHE B 311 -20.53 -27.20 -15.77
N LYS B 312 -21.39 -27.74 -14.90
CA LYS B 312 -22.86 -27.56 -15.05
C LYS B 312 -23.57 -27.34 -13.70
N VAL C 2 23.04 -8.04 -16.91
CA VAL C 2 22.70 -7.79 -15.47
C VAL C 2 23.90 -7.55 -14.59
N ASP C 3 23.75 -6.65 -13.62
CA ASP C 3 24.79 -6.42 -12.62
C ASP C 3 25.07 -7.65 -11.77
N VAL C 4 24.00 -8.24 -11.24
CA VAL C 4 24.12 -9.38 -10.31
C VAL C 4 23.34 -10.59 -10.72
N ILE C 5 24.01 -11.73 -10.70
CA ILE C 5 23.35 -13.01 -10.89
C ILE C 5 23.37 -13.78 -9.55
N ALA C 6 22.19 -14.27 -9.12
CA ALA C 6 22.11 -15.20 -7.96
C ALA C 6 21.61 -16.58 -8.36
N LEU C 7 22.14 -17.61 -7.70
CA LEU C 7 21.73 -18.97 -7.91
C LEU C 7 21.15 -19.44 -6.60
N GLY C 8 19.94 -19.99 -6.65
CA GLY C 8 19.39 -20.62 -5.44
C GLY C 8 18.02 -21.16 -5.71
N GLU C 9 17.40 -21.63 -4.63
CA GLU C 9 16.03 -22.11 -4.66
C GLU C 9 15.04 -21.11 -4.02
N PRO C 10 14.23 -20.42 -4.84
CA PRO C 10 13.17 -19.56 -4.27
C PRO C 10 12.07 -20.49 -3.70
N LEU C 11 11.38 -20.02 -2.67
CA LEU C 11 10.49 -20.89 -1.88
C LEU C 11 9.19 -20.16 -1.51
N ILE C 12 8.12 -20.92 -1.27
CA ILE C 12 6.89 -20.29 -0.74
C ILE C 12 6.95 -20.47 0.78
N GLN C 13 6.75 -19.37 1.50
CA GLN C 13 6.73 -19.35 2.98
C GLN C 13 5.30 -19.26 3.50
N PHE C 14 4.96 -20.13 4.45
CA PHE C 14 3.69 -20.10 5.17
C PHE C 14 3.99 -19.73 6.61
N ASN C 15 3.74 -18.47 6.98
CA ASN C 15 3.87 -18.02 8.36
C ASN C 15 2.63 -18.15 9.14
N SER C 16 2.81 -18.63 10.36
CA SER C 16 1.77 -18.63 11.36
C SER C 16 1.29 -17.23 11.62
N PHE C 17 -0.01 -17.11 11.49
CA PHE C 17 -0.66 -15.86 11.70
C PHE C 17 -0.40 -15.39 13.13
N ASN C 18 -0.39 -16.35 14.07
CA ASN C 18 -0.07 -16.16 15.51
C ASN C 18 1.11 -17.03 16.00
N PRO C 19 1.83 -16.58 17.04
CA PRO C 19 2.92 -17.35 17.66
C PRO C 19 2.42 -18.68 18.26
N GLY C 20 3.33 -19.62 18.45
CA GLY C 20 2.99 -20.87 19.10
C GLY C 20 3.32 -22.12 18.32
N PRO C 21 3.17 -23.27 18.97
CA PRO C 21 3.42 -24.56 18.33
C PRO C 21 2.48 -24.68 17.11
N LEU C 22 2.98 -25.19 15.98
CA LEU C 22 2.16 -25.28 14.73
C LEU C 22 0.82 -26.02 14.92
N ARG C 23 0.75 -26.94 15.89
CA ARG C 23 -0.45 -27.73 16.05
C ARG C 23 -1.61 -26.89 16.56
N PHE C 24 -1.30 -25.75 17.19
CA PHE C 24 -2.32 -24.83 17.65
C PHE C 24 -2.55 -23.69 16.71
N VAL C 25 -1.78 -23.60 15.62
CA VAL C 25 -1.98 -22.51 14.63
C VAL C 25 -3.07 -22.90 13.65
N ASN C 26 -4.09 -22.03 13.50
CA ASN C 26 -5.20 -22.28 12.56
C ASN C 26 -4.99 -21.60 11.19
N TYR C 27 -4.23 -20.50 11.16
CA TYR C 27 -4.09 -19.69 9.90
C TYR C 27 -2.64 -19.45 9.55
N PHE C 28 -2.38 -19.49 8.25
CA PHE C 28 -1.06 -19.35 7.66
C PHE C 28 -1.13 -18.30 6.57
N GLU C 29 -0.17 -17.38 6.60
CA GLU C 29 -0.11 -16.28 5.66
C GLU C 29 1.02 -16.57 4.68
N LYS C 30 0.69 -16.51 3.39
CA LYS C 30 1.65 -16.91 2.34
C LYS C 30 2.56 -15.72 1.94
N HIS C 31 3.88 -15.98 1.83
CA HIS C 31 4.84 -14.98 1.38
C HIS C 31 5.78 -15.67 0.39
N VAL C 32 6.44 -14.89 -0.44
CA VAL C 32 7.44 -15.40 -1.40
C VAL C 32 8.82 -15.06 -0.83
N ALA C 33 9.68 -16.07 -0.75
CA ALA C 33 10.95 -15.94 -0.13
C ALA C 33 11.95 -16.97 -0.68
N GLY C 34 12.84 -17.45 0.18
CA GLY C 34 14.02 -18.20 -0.24
C GLY C 34 15.16 -17.21 -0.18
N SER C 35 16.28 -17.66 0.35
CA SER C 35 17.42 -16.82 0.66
C SER C 35 17.89 -15.94 -0.52
N GLU C 36 18.19 -16.56 -1.67
CA GLU C 36 18.74 -15.79 -2.80
C GLU C 36 17.69 -14.89 -3.43
N LEU C 37 16.42 -15.31 -3.39
CA LEU C 37 15.33 -14.41 -3.81
C LEU C 37 15.23 -13.13 -2.94
N ASN C 38 15.27 -13.28 -1.61
CA ASN C 38 15.34 -12.17 -0.68
C ASN C 38 16.54 -11.27 -1.01
N PHE C 39 17.69 -11.90 -1.24
CA PHE C 39 18.91 -11.19 -1.59
C PHE C 39 18.68 -10.34 -2.88
N CYS C 40 18.10 -10.96 -3.91
CA CYS C 40 17.79 -10.26 -5.19
C CYS C 40 16.86 -9.06 -5.03
N ILE C 41 15.89 -9.17 -4.13
CA ILE C 41 14.98 -8.06 -3.84
C ILE C 41 15.82 -6.90 -3.23
N ALA C 42 16.70 -7.21 -2.28
CA ALA C 42 17.58 -6.16 -1.73
C ALA C 42 18.45 -5.50 -2.80
N VAL C 43 19.01 -6.28 -3.73
CA VAL C 43 19.83 -5.75 -4.83
C VAL C 43 19.09 -4.75 -5.72
N VAL C 44 17.89 -5.11 -6.16
CA VAL C 44 17.10 -4.25 -7.02
C VAL C 44 16.62 -2.98 -6.30
N ARG C 45 16.30 -3.09 -5.00
CA ARG C 45 15.93 -1.94 -4.18
C ARG C 45 17.06 -0.93 -4.07
N ASN C 46 18.30 -1.39 -4.24
CA ASN C 46 19.46 -0.49 -4.19
C ASN C 46 19.94 -0.12 -5.59
N HIS C 47 19.02 -0.30 -6.55
CA HIS C 47 19.10 0.19 -7.92
C HIS C 47 20.13 -0.47 -8.85
N LEU C 48 20.48 -1.73 -8.58
CA LEU C 48 21.17 -2.56 -9.57
C LEU C 48 20.22 -3.57 -10.24
N SER C 49 20.57 -4.06 -11.43
CA SER C 49 19.79 -5.10 -12.07
C SER C 49 20.27 -6.45 -11.54
N CYS C 50 19.35 -7.40 -11.49
CA CYS C 50 19.62 -8.63 -10.78
C CYS C 50 18.80 -9.76 -11.37
N SER C 51 19.47 -10.86 -11.67
CA SER C 51 18.84 -12.02 -12.23
C SER C 51 18.91 -13.22 -11.27
N LEU C 52 17.79 -13.89 -11.03
CA LEU C 52 17.83 -15.14 -10.26
C LEU C 52 17.81 -16.34 -11.19
N ILE C 53 18.80 -17.22 -11.08
CA ILE C 53 18.85 -18.45 -11.84
C ILE C 53 18.39 -19.54 -10.91
N ALA C 54 17.33 -20.23 -11.30
CA ALA C 54 16.58 -21.10 -10.36
C ALA C 54 15.64 -21.96 -11.17
N ARG C 55 15.09 -22.97 -10.52
CA ARG C 55 13.94 -23.69 -11.05
C ARG C 55 12.73 -23.56 -10.11
N VAL C 56 11.53 -23.63 -10.70
CA VAL C 56 10.27 -23.71 -9.98
C VAL C 56 9.45 -24.81 -10.64
N GLY C 57 8.44 -25.29 -9.91
CA GLY C 57 7.58 -26.31 -10.47
C GLY C 57 6.65 -25.66 -11.48
N ASN C 58 6.03 -26.51 -12.30
CA ASN C 58 4.97 -26.11 -13.20
C ASN C 58 3.63 -26.19 -12.44
N ASP C 59 3.46 -25.29 -11.48
CA ASP C 59 2.36 -25.30 -10.52
C ASP C 59 2.09 -23.85 -10.09
N GLU C 60 1.03 -23.64 -9.31
CA GLU C 60 0.62 -22.32 -8.87
C GLU C 60 1.68 -21.60 -8.10
N PHE C 61 2.34 -22.33 -7.19
CA PHE C 61 3.35 -21.74 -6.35
C PHE C 61 4.58 -21.33 -7.15
N GLY C 62 4.93 -22.09 -8.17
CA GLY C 62 5.99 -21.65 -9.11
C GLY C 62 5.64 -20.38 -9.88
N LYS C 63 4.41 -20.30 -10.38
CA LYS C 63 3.91 -19.10 -11.05
C LYS C 63 3.89 -17.93 -10.09
N ASN C 64 3.47 -18.19 -8.84
CA ASN C 64 3.55 -17.21 -7.76
C ASN C 64 5.00 -16.65 -7.65
N ILE C 65 5.99 -17.52 -7.57
CA ILE C 65 7.36 -17.07 -7.46
C ILE C 65 7.81 -16.19 -8.63
N ILE C 66 7.48 -16.62 -9.85
CA ILE C 66 7.82 -15.86 -11.04
C ILE C 66 7.17 -14.49 -11.09
N GLU C 67 5.86 -14.43 -10.81
CA GLU C 67 5.13 -13.20 -10.92
C GLU C 67 5.52 -12.20 -9.84
N TYR C 68 5.72 -12.67 -8.60
CA TYR C 68 6.13 -11.83 -7.51
C TYR C 68 7.51 -11.26 -7.82
N SER C 69 8.46 -12.10 -8.27
CA SER C 69 9.79 -11.64 -8.68
C SER C 69 9.75 -10.55 -9.78
N ARG C 70 8.96 -10.80 -10.81
CA ARG C 70 8.75 -9.85 -11.92
C ARG C 70 8.17 -8.55 -11.37
N ALA C 71 7.19 -8.65 -10.46
CA ALA C 71 6.54 -7.44 -9.89
C ALA C 71 7.58 -6.56 -9.22
N GLN C 72 8.58 -7.20 -8.62
CA GLN C 72 9.60 -6.51 -7.81
C GLN C 72 10.80 -6.10 -8.64
N GLY C 73 10.72 -6.30 -9.96
CA GLY C 73 11.81 -5.87 -10.85
C GLY C 73 13.02 -6.79 -10.86
N ILE C 74 12.88 -8.04 -10.40
CA ILE C 74 13.95 -9.04 -10.55
C ILE C 74 13.80 -9.58 -11.98
N ASP C 75 14.89 -9.69 -12.71
CA ASP C 75 14.91 -10.31 -14.02
C ASP C 75 14.59 -11.79 -13.83
N THR C 76 13.50 -12.26 -14.44
CA THR C 76 13.05 -13.65 -14.26
C THR C 76 13.29 -14.58 -15.46
N SER C 77 14.08 -14.07 -16.43
CA SER C 77 14.38 -14.77 -17.69
C SER C 77 15.01 -16.15 -17.46
N HIS C 78 15.73 -16.35 -16.35
CA HIS C 78 16.45 -17.60 -16.08
C HIS C 78 15.88 -18.38 -14.90
N ILE C 79 14.65 -18.05 -14.50
CA ILE C 79 13.90 -18.92 -13.61
C ILE C 79 13.17 -19.92 -14.51
N LYS C 80 13.56 -21.16 -14.43
CA LYS C 80 13.05 -22.17 -15.33
C LYS C 80 11.89 -22.99 -14.72
N VAL C 81 10.86 -23.22 -15.51
CA VAL C 81 9.78 -24.06 -15.09
C VAL C 81 10.15 -25.52 -15.35
N ASP C 82 10.15 -26.33 -14.30
CA ASP C 82 10.47 -27.74 -14.39
C ASP C 82 9.21 -28.58 -14.10
N ASN C 83 8.65 -29.21 -15.14
CA ASN C 83 7.39 -30.00 -15.06
C ASN C 83 7.62 -31.34 -14.33
N GLU C 84 8.88 -31.68 -14.08
CA GLU C 84 9.17 -32.95 -13.44
C GLU C 84 9.06 -32.93 -11.91
N SER C 85 8.97 -31.74 -11.28
CA SER C 85 8.79 -31.68 -9.81
C SER C 85 8.00 -30.45 -9.34
N PHE C 86 7.94 -30.26 -8.01
CA PHE C 86 7.05 -29.31 -7.38
C PHE C 86 7.82 -28.12 -6.83
N THR C 87 7.12 -27.01 -6.61
CA THR C 87 7.77 -25.85 -5.98
C THR C 87 7.91 -26.11 -4.48
N GLY C 88 9.13 -26.00 -3.96
CA GLY C 88 9.39 -26.18 -2.53
C GLY C 88 8.73 -25.12 -1.68
N ILE C 89 8.38 -25.49 -0.45
CA ILE C 89 7.67 -24.60 0.47
C ILE C 89 8.19 -24.80 1.88
N TYR C 90 7.85 -23.91 2.80
CA TYR C 90 8.16 -24.19 4.20
C TYR C 90 7.19 -23.42 5.06
N PHE C 91 7.11 -23.87 6.32
CA PHE C 91 6.31 -23.27 7.36
C PHE C 91 7.19 -22.60 8.41
N ILE C 92 6.72 -21.51 9.01
CA ILE C 92 7.42 -20.87 10.10
C ILE C 92 6.58 -21.00 11.35
N GLN C 93 7.16 -21.69 12.34
CA GLN C 93 6.69 -21.63 13.74
C GLN C 93 7.38 -20.43 14.48
N ARG C 94 6.57 -19.51 14.99
CA ARG C 94 7.06 -18.26 15.59
C ARG C 94 6.92 -18.28 17.12
N GLY C 95 7.99 -17.87 17.80
CA GLY C 95 7.94 -17.54 19.22
C GLY C 95 7.70 -18.72 20.16
N TYR C 96 7.92 -19.94 19.66
CA TYR C 96 7.80 -21.09 20.50
C TYR C 96 8.88 -22.09 20.11
N PRO C 97 9.70 -22.59 21.08
CA PRO C 97 9.73 -22.33 22.53
C PRO C 97 10.50 -21.10 22.95
N ILE C 98 11.01 -20.33 21.98
CA ILE C 98 11.82 -19.12 22.28
C ILE C 98 11.11 -17.89 21.72
N PRO C 99 10.66 -16.99 22.60
CA PRO C 99 10.03 -15.76 22.09
C PRO C 99 10.94 -15.01 21.11
N MET C 100 10.33 -14.31 20.15
CA MET C 100 11.02 -13.46 19.15
C MET C 100 12.00 -14.21 18.23
N LYS C 101 11.88 -15.53 18.19
CA LYS C 101 12.70 -16.36 17.29
C LYS C 101 11.74 -17.26 16.51
N SER C 102 12.20 -17.76 15.35
CA SER C 102 11.40 -18.58 14.45
C SER C 102 12.09 -19.90 14.11
N GLU C 103 11.29 -20.92 13.74
CA GLU C 103 11.83 -22.22 13.29
C GLU C 103 11.14 -22.59 12.01
N LEU C 104 11.90 -23.17 11.08
CA LEU C 104 11.35 -23.47 9.75
C LEU C 104 11.12 -24.97 9.58
N VAL C 105 9.98 -25.33 9.00
CA VAL C 105 9.66 -26.73 8.74
C VAL C 105 9.55 -26.84 7.22
N TYR C 106 10.51 -27.53 6.58
CA TYR C 106 10.63 -27.58 5.11
C TYR C 106 9.85 -28.73 4.49
N TYR C 107 9.27 -28.46 3.32
CA TYR C 107 8.67 -29.45 2.41
C TYR C 107 9.32 -29.15 1.05
N ARG C 108 10.56 -29.62 0.88
CA ARG C 108 11.38 -29.24 -0.28
C ARG C 108 12.21 -30.38 -0.87
N LYS C 109 12.19 -31.55 -0.25
CA LYS C 109 12.96 -32.71 -0.73
C LYS C 109 12.59 -33.16 -2.16
N GLY C 110 13.57 -33.11 -3.07
CA GLY C 110 13.36 -33.52 -4.45
C GLY C 110 12.51 -32.53 -5.22
N SER C 111 12.45 -31.29 -4.73
CA SER C 111 11.71 -30.24 -5.39
C SER C 111 12.29 -29.82 -6.73
N ALA C 112 11.52 -29.11 -7.54
CA ALA C 112 12.04 -28.55 -8.77
C ALA C 112 13.25 -27.66 -8.52
N GLY C 113 13.19 -26.85 -7.46
CA GLY C 113 14.29 -25.96 -7.08
C GLY C 113 15.61 -26.66 -6.85
N SER C 114 15.56 -27.82 -6.19
CA SER C 114 16.71 -28.65 -5.96
C SER C 114 17.25 -29.27 -7.26
N ARG C 115 16.53 -29.13 -8.37
CA ARG C 115 16.99 -29.74 -9.63
C ARG C 115 17.82 -28.75 -10.45
N LEU C 116 18.05 -27.55 -9.89
CA LEU C 116 19.02 -26.58 -10.43
C LEU C 116 20.35 -27.29 -10.71
N SER C 117 20.94 -27.05 -11.89
CA SER C 117 22.02 -27.90 -12.37
C SER C 117 22.99 -27.17 -13.34
N PRO C 118 24.21 -27.73 -13.57
CA PRO C 118 25.20 -27.01 -14.39
C PRO C 118 24.63 -26.62 -15.74
N GLU C 119 23.71 -27.44 -16.23
CA GLU C 119 23.10 -27.23 -17.52
C GLU C 119 22.22 -25.98 -17.58
N ASP C 120 21.83 -25.44 -16.42
CA ASP C 120 21.10 -24.17 -16.31
C ASP C 120 22.05 -22.96 -16.33
N ILE C 121 23.35 -23.23 -16.27
CA ILE C 121 24.37 -22.20 -16.17
C ILE C 121 25.04 -21.98 -17.53
N ASN C 122 24.77 -20.84 -18.16
CA ASN C 122 25.37 -20.51 -19.47
C ASN C 122 26.61 -19.65 -19.31
N GLU C 123 27.71 -20.11 -19.91
CA GLU C 123 28.99 -19.39 -19.88
C GLU C 123 28.90 -17.90 -20.27
N ASN C 124 28.32 -17.60 -21.44
CA ASN C 124 28.20 -16.22 -21.92
C ASN C 124 27.37 -15.32 -20.98
N TYR C 125 26.23 -15.85 -20.52
CA TYR C 125 25.36 -15.11 -19.60
C TYR C 125 26.09 -14.75 -18.30
N VAL C 126 26.70 -15.74 -17.67
CA VAL C 126 27.43 -15.50 -16.43
C VAL C 126 28.61 -14.51 -16.58
N ARG C 127 29.38 -14.63 -17.67
CA ARG C 127 30.58 -13.80 -17.89
C ARG C 127 30.22 -12.34 -18.13
N ASN C 128 28.99 -12.12 -18.56
CA ASN C 128 28.49 -10.80 -18.86
C ASN C 128 27.92 -10.07 -17.65
N SER C 129 27.90 -10.72 -16.48
CA SER C 129 27.47 -10.02 -15.25
C SER C 129 28.69 -9.59 -14.48
N ARG C 130 28.49 -8.65 -13.54
CA ARG C 130 29.56 -8.18 -12.64
C ARG C 130 29.84 -9.11 -11.46
N LEU C 131 28.80 -9.76 -10.93
CA LEU C 131 28.94 -10.59 -9.73
C LEU C 131 27.93 -11.75 -9.70
N VAL C 132 28.38 -12.87 -9.19
CA VAL C 132 27.55 -14.04 -8.98
C VAL C 132 27.50 -14.34 -7.48
N HIS C 133 26.29 -14.45 -6.95
CA HIS C 133 26.04 -14.80 -5.54
C HIS C 133 25.35 -16.16 -5.37
N SER C 134 25.70 -16.87 -4.29
CA SER C 134 24.89 -18.00 -3.85
C SER C 134 25.16 -18.20 -2.37
N THR C 135 24.68 -19.31 -1.80
CA THR C 135 24.71 -19.52 -0.35
C THR C 135 24.94 -20.96 -0.03
N GLY C 136 25.24 -21.26 1.23
CA GLY C 136 25.38 -22.64 1.62
C GLY C 136 24.09 -23.44 1.58
N ILE C 137 22.95 -22.76 1.44
CA ILE C 137 21.67 -23.47 1.24
C ILE C 137 21.64 -24.17 -0.11
N THR C 138 21.98 -23.44 -1.17
CA THR C 138 22.10 -24.01 -2.51
C THR C 138 23.17 -25.15 -2.60
N LEU C 139 24.29 -25.01 -1.89
CA LEU C 139 25.28 -26.09 -1.81
C LEU C 139 24.70 -27.36 -1.16
N ALA C 140 23.69 -27.19 -0.32
CA ALA C 140 23.13 -28.32 0.47
C ALA C 140 22.02 -29.08 -0.26
N ILE C 141 21.26 -28.41 -1.12
CA ILE C 141 19.96 -28.97 -1.54
C ILE C 141 20.09 -30.19 -2.44
N SER C 142 21.21 -30.28 -3.16
CA SER C 142 21.49 -31.46 -3.99
C SER C 142 22.89 -31.34 -4.58
N ASP C 143 23.40 -32.49 -5.06
CA ASP C 143 24.70 -32.58 -5.75
C ASP C 143 24.73 -31.71 -7.00
N ASN C 144 23.64 -31.69 -7.76
CA ASN C 144 23.61 -30.87 -8.97
C ASN C 144 23.53 -29.35 -8.74
N ALA C 145 22.80 -28.92 -7.71
CA ALA C 145 22.76 -27.50 -7.34
C ALA C 145 24.13 -27.05 -6.85
N LYS C 146 24.78 -27.85 -6.00
CA LYS C 146 26.19 -27.60 -5.63
C LYS C 146 27.06 -27.44 -6.90
N GLU C 147 26.94 -28.37 -7.85
CA GLU C 147 27.71 -28.32 -9.12
C GLU C 147 27.35 -27.10 -9.95
N ALA C 148 26.07 -26.69 -9.94
CA ALA C 148 25.66 -25.48 -10.62
C ALA C 148 26.40 -24.26 -10.05
N VAL C 149 26.58 -24.22 -8.73
CA VAL C 149 27.32 -23.10 -8.08
C VAL C 149 28.83 -23.13 -8.40
N ILE C 150 29.42 -24.33 -8.35
CA ILE C 150 30.82 -24.57 -8.75
C ILE C 150 31.04 -24.04 -10.17
N LYS C 151 30.22 -24.48 -11.12
CA LYS C 151 30.26 -23.95 -12.50
C LYS C 151 30.06 -22.43 -12.65
N ALA C 152 29.03 -21.84 -12.02
CA ALA C 152 28.84 -20.39 -12.05
C ALA C 152 30.03 -19.60 -11.45
N PHE C 153 30.55 -20.11 -10.33
CA PHE C 153 31.71 -19.50 -9.64
C PHE C 153 33.02 -19.61 -10.47
N GLU C 154 33.20 -20.73 -11.19
CA GLU C 154 34.29 -20.82 -12.17
C GLU C 154 34.24 -19.72 -13.26
N LEU C 155 33.04 -19.41 -13.75
CA LEU C 155 32.87 -18.49 -14.86
C LEU C 155 32.78 -17.01 -14.46
N ALA C 156 32.48 -16.75 -13.20
CA ALA C 156 32.18 -15.39 -12.71
C ALA C 156 33.38 -14.41 -12.70
N LYS C 157 33.10 -13.12 -12.91
CA LYS C 157 34.12 -12.08 -12.74
C LYS C 157 34.46 -11.87 -11.24
N SER C 158 33.41 -11.87 -10.40
CA SER C 158 33.54 -11.83 -8.94
C SER C 158 32.39 -12.63 -8.33
N ARG C 159 32.56 -13.04 -7.07
CA ARG C 159 31.59 -13.86 -6.33
C ARG C 159 31.25 -13.29 -4.95
N SER C 160 29.99 -13.49 -4.53
CA SER C 160 29.64 -13.49 -3.10
C SER C 160 29.07 -14.83 -2.62
N LEU C 161 29.25 -15.10 -1.33
CA LEU C 161 28.72 -16.32 -0.73
C LEU C 161 28.29 -15.96 0.69
N ASP C 162 27.03 -16.28 1.00
CA ASP C 162 26.57 -16.31 2.36
C ASP C 162 26.70 -17.75 2.82
N THR C 163 27.47 -17.99 3.90
CA THR C 163 27.62 -19.38 4.37
C THR C 163 26.29 -20.07 4.75
N ASN C 164 25.35 -19.32 5.35
CA ASN C 164 23.97 -19.81 5.61
C ASN C 164 23.85 -21.31 5.92
N ILE C 165 24.53 -21.78 6.97
CA ILE C 165 24.48 -23.21 7.26
C ILE C 165 23.14 -23.54 7.95
N ARG C 166 22.32 -24.37 7.30
CA ARG C 166 21.10 -24.86 7.97
C ARG C 166 21.30 -26.33 8.31
N PRO C 167 21.49 -26.65 9.60
CA PRO C 167 21.83 -28.03 9.92
C PRO C 167 20.82 -29.08 9.39
N LYS C 168 19.55 -28.69 9.28
CA LYS C 168 18.51 -29.58 8.75
C LYS C 168 18.74 -29.98 7.30
N LEU C 169 19.47 -29.14 6.53
CA LEU C 169 19.62 -29.42 5.11
C LEU C 169 20.84 -30.33 4.81
N TRP C 170 21.65 -30.59 5.83
CA TRP C 170 22.86 -31.38 5.62
C TRP C 170 22.77 -32.71 6.37
N SER C 171 23.48 -33.74 5.88
CA SER C 171 23.55 -35.03 6.58
C SER C 171 24.34 -34.96 7.90
N SER C 172 25.41 -34.12 7.92
CA SER C 172 26.14 -33.73 9.15
C SER C 172 26.72 -32.29 9.05
N LEU C 173 27.08 -31.71 10.18
CA LEU C 173 27.84 -30.43 10.17
C LEU C 173 29.20 -30.58 9.49
N GLU C 174 29.79 -31.77 9.67
CA GLU C 174 31.03 -32.14 9.00
C GLU C 174 30.89 -32.08 7.49
N LYS C 175 29.77 -32.58 6.95
CA LYS C 175 29.50 -32.48 5.50
C LYS C 175 29.41 -31.03 4.99
N ALA C 176 28.69 -30.18 5.71
CA ALA C 176 28.59 -28.74 5.43
C ALA C 176 29.98 -28.07 5.42
N LYS C 177 30.73 -28.32 6.49
CA LYS C 177 32.07 -27.76 6.66
C LYS C 177 32.94 -28.13 5.46
N GLU C 178 33.00 -29.41 5.10
CA GLU C 178 33.89 -29.81 3.98
C GLU C 178 33.42 -29.21 2.66
N THR C 179 32.11 -29.12 2.47
CA THR C 179 31.55 -28.68 1.19
C THR C 179 31.83 -27.19 1.05
N ILE C 180 31.60 -26.46 2.14
CA ILE C 180 31.74 -25.02 2.09
C ILE C 180 33.22 -24.60 2.07
N LEU C 181 34.08 -25.24 2.86
CA LEU C 181 35.55 -24.94 2.82
C LEU C 181 36.09 -25.21 1.44
N SER C 182 35.57 -26.27 0.83
CA SER C 182 35.97 -26.65 -0.50
C SER C 182 35.76 -25.50 -1.52
N ILE C 183 34.60 -24.85 -1.46
CA ILE C 183 34.30 -23.65 -2.23
C ILE C 183 35.28 -22.52 -1.93
N LEU C 184 35.48 -22.24 -0.63
CA LEU C 184 36.32 -21.14 -0.17
C LEU C 184 37.78 -21.28 -0.60
N LYS C 185 38.31 -22.51 -0.44
CA LYS C 185 39.66 -22.89 -0.92
C LYS C 185 39.85 -22.70 -2.44
N LYS C 186 38.89 -23.17 -3.22
CA LYS C 186 38.93 -23.08 -4.68
C LYS C 186 38.85 -21.69 -5.30
N TYR C 187 38.00 -20.80 -4.74
CA TYR C 187 37.70 -19.50 -5.35
C TYR C 187 38.07 -18.30 -4.51
N ASP C 188 38.24 -17.17 -5.19
CA ASP C 188 38.33 -15.87 -4.53
C ASP C 188 36.89 -15.49 -4.21
N ILE C 189 36.66 -14.81 -3.09
CA ILE C 189 35.30 -14.41 -2.70
C ILE C 189 35.35 -12.93 -2.39
N GLU C 190 34.72 -12.12 -3.23
CA GLU C 190 34.75 -10.69 -3.06
C GLU C 190 34.00 -10.21 -1.79
N VAL C 191 32.79 -10.76 -1.55
CA VAL C 191 32.08 -10.56 -0.27
C VAL C 191 31.65 -11.89 0.35
N LEU C 192 32.15 -12.18 1.53
CA LEU C 192 31.67 -13.34 2.30
C LEU C 192 30.76 -12.83 3.43
N ILE C 193 29.57 -13.42 3.51
CA ILE C 193 28.62 -13.06 4.56
C ILE C 193 28.55 -14.29 5.45
N THR C 194 28.73 -14.10 6.75
CA THR C 194 28.70 -15.27 7.63
C THR C 194 28.38 -14.78 9.04
N ASP C 195 28.64 -15.61 10.04
CA ASP C 195 28.31 -15.25 11.42
C ASP C 195 29.07 -16.20 12.34
N PRO C 196 29.03 -15.97 13.67
CA PRO C 196 29.79 -16.85 14.59
C PRO C 196 29.46 -18.34 14.54
N ASP C 197 28.18 -18.69 14.50
CA ASP C 197 27.76 -20.09 14.40
C ASP C 197 28.41 -20.84 13.23
N ASP C 198 28.33 -20.27 12.02
CA ASP C 198 28.90 -20.85 10.81
C ASP C 198 30.42 -20.87 10.86
N THR C 199 30.99 -19.75 11.32
CA THR C 199 32.45 -19.57 11.38
C THR C 199 33.09 -20.54 12.38
N LYS C 200 32.42 -20.78 13.49
CA LYS C 200 32.85 -21.80 14.46
C LYS C 200 32.91 -23.20 13.81
N ILE C 201 31.87 -23.59 13.07
CA ILE C 201 31.91 -24.83 12.28
C ILE C 201 33.03 -24.81 11.23
N LEU C 202 33.08 -23.77 10.38
CA LEU C 202 34.06 -23.70 9.30
C LEU C 202 35.55 -23.55 9.75
N LEU C 203 35.82 -22.68 10.73
CA LEU C 203 37.19 -22.28 11.08
C LEU C 203 37.55 -22.57 12.53
N ASP C 204 36.60 -23.10 13.30
CA ASP C 204 36.78 -23.31 14.74
C ASP C 204 37.31 -22.06 15.46
N VAL C 205 36.91 -20.87 14.98
CA VAL C 205 37.13 -19.61 15.70
C VAL C 205 35.82 -18.85 15.93
N THR C 206 35.73 -18.14 17.06
CA THR C 206 34.65 -17.18 17.36
C THR C 206 35.02 -15.69 17.09
N ASP C 207 36.17 -15.26 17.62
CA ASP C 207 36.62 -13.85 17.57
C ASP C 207 36.56 -13.28 16.15
N PRO C 208 35.82 -12.18 15.94
CA PRO C 208 35.71 -11.59 14.59
C PRO C 208 37.04 -11.22 13.90
N ASP C 209 37.98 -10.59 14.62
CA ASP C 209 39.26 -10.20 14.02
C ASP C 209 40.04 -11.41 13.53
N GLU C 210 40.01 -12.48 14.31
CA GLU C 210 40.63 -13.73 13.94
C GLU C 210 39.96 -14.37 12.72
N ALA C 211 38.62 -14.38 12.73
CA ALA C 211 37.80 -14.82 11.62
C ALA C 211 38.24 -14.15 10.32
N TYR C 212 38.41 -12.83 10.35
CA TYR C 212 38.80 -12.15 9.12
C TYR C 212 40.20 -12.55 8.66
N ARG C 213 41.14 -12.75 9.60
CA ARG C 213 42.48 -13.17 9.23
C ARG C 213 42.45 -14.52 8.49
N LYS C 214 41.76 -15.49 9.06
CA LYS C 214 41.64 -16.81 8.46
C LYS C 214 40.85 -16.80 7.13
N TYR C 215 39.80 -15.98 7.05
CA TYR C 215 39.01 -15.85 5.81
C TYR C 215 39.81 -15.21 4.69
N LYS C 216 40.66 -14.26 5.07
CA LYS C 216 41.53 -13.57 4.13
C LYS C 216 42.50 -14.55 3.46
N GLU C 217 42.98 -15.55 4.22
CA GLU C 217 43.87 -16.61 3.70
C GLU C 217 43.15 -17.45 2.66
N LEU C 218 41.81 -17.51 2.79
CA LEU C 218 40.94 -18.26 1.90
C LEU C 218 40.53 -17.50 0.66
N GLY C 219 41.01 -16.27 0.53
CA GLY C 219 40.73 -15.49 -0.64
C GLY C 219 39.58 -14.53 -0.48
N VAL C 220 39.11 -14.32 0.75
CA VAL C 220 38.00 -13.39 1.00
C VAL C 220 38.46 -11.91 1.07
N LYS C 221 37.91 -11.05 0.20
CA LYS C 221 38.23 -9.63 0.19
C LYS C 221 37.46 -8.84 1.28
N VAL C 222 36.12 -8.88 1.22
CA VAL C 222 35.24 -8.27 2.23
C VAL C 222 34.55 -9.34 3.08
N LEU C 223 34.57 -9.16 4.39
CA LEU C 223 33.82 -10.02 5.30
C LEU C 223 32.66 -9.23 5.92
N LEU C 224 31.43 -9.75 5.73
CA LEU C 224 30.30 -9.23 6.48
C LEU C 224 29.99 -10.23 7.60
N TYR C 225 30.08 -9.78 8.85
CA TYR C 225 30.02 -10.73 10.00
C TYR C 225 28.86 -10.35 10.88
N LYS C 226 27.77 -11.13 10.76
CA LYS C 226 26.48 -10.81 11.36
C LYS C 226 26.42 -11.35 12.78
N LEU C 227 25.85 -10.55 13.66
CA LEU C 227 25.88 -10.83 15.11
C LEU C 227 24.47 -10.71 15.67
N GLY C 228 23.45 -10.74 14.80
CA GLY C 228 22.06 -10.77 15.28
C GLY C 228 21.69 -9.53 16.06
N SER C 229 21.18 -9.74 17.29
CA SER C 229 20.71 -8.62 18.13
C SER C 229 21.87 -7.76 18.62
N LYS C 230 23.09 -8.18 18.30
CA LYS C 230 24.28 -7.44 18.69
C LYS C 230 24.87 -6.61 17.54
N GLY C 231 24.24 -6.66 16.35
CA GLY C 231 24.67 -5.82 15.23
C GLY C 231 25.39 -6.63 14.18
N ALA C 232 26.40 -6.02 13.55
CA ALA C 232 27.22 -6.69 12.54
C ALA C 232 28.54 -5.93 12.35
N ILE C 233 29.53 -6.60 11.77
CA ILE C 233 30.84 -6.03 11.50
C ILE C 233 31.20 -6.28 10.07
N ALA C 234 31.68 -5.25 9.38
CA ALA C 234 32.28 -5.42 8.06
C ALA C 234 33.84 -5.19 8.14
N TYR C 235 34.58 -5.98 7.36
CA TYR C 235 36.04 -5.87 7.22
C TYR C 235 36.41 -5.78 5.77
N LYS C 236 37.34 -4.88 5.47
CA LYS C 236 37.97 -4.83 4.16
C LYS C 236 39.37 -4.23 4.33
N ASP C 237 40.37 -4.98 3.92
CA ASP C 237 41.78 -4.60 4.05
C ASP C 237 42.05 -4.33 5.52
N ASN C 238 42.28 -3.06 5.84
CA ASN C 238 42.50 -2.66 7.24
C ASN C 238 41.41 -1.83 7.86
N VAL C 239 40.30 -1.69 7.13
CA VAL C 239 39.07 -1.05 7.66
C VAL C 239 38.26 -2.09 8.42
N LYS C 240 37.85 -1.75 9.64
CA LYS C 240 36.87 -2.52 10.37
C LYS C 240 35.73 -1.55 10.65
N ALA C 241 34.49 -1.98 10.42
CA ALA C 241 33.33 -1.11 10.71
C ALA C 241 32.36 -1.92 11.56
N PHE C 242 31.93 -1.37 12.68
CA PHE C 242 30.91 -2.04 13.47
C PHE C 242 29.66 -1.17 13.57
N LYS C 243 28.49 -1.79 13.59
CA LYS C 243 27.25 -1.03 13.78
C LYS C 243 26.32 -1.84 14.65
N ASP C 244 25.79 -1.21 15.71
CA ASP C 244 24.86 -1.91 16.60
C ASP C 244 23.47 -2.15 15.96
N ALA C 245 22.79 -3.21 16.38
CA ALA C 245 21.40 -3.47 15.99
C ALA C 245 20.51 -2.45 16.69
N TYR C 246 19.35 -2.16 16.10
CA TYR C 246 18.34 -1.30 16.75
C TYR C 246 17.30 -2.13 17.50
N LYS C 247 16.74 -1.55 18.56
CA LYS C 247 15.66 -2.19 19.32
C LYS C 247 14.33 -1.96 18.60
N VAL C 248 13.75 -3.05 18.11
CA VAL C 248 12.42 -3.02 17.48
C VAL C 248 11.58 -4.21 17.94
N PRO C 249 10.24 -4.06 17.93
CA PRO C 249 9.43 -5.26 18.22
C PRO C 249 9.60 -6.28 17.07
N VAL C 250 9.99 -7.51 17.40
CA VAL C 250 10.27 -8.54 16.40
C VAL C 250 9.04 -9.42 16.16
N GLU C 251 8.60 -9.47 14.90
CA GLU C 251 7.54 -10.34 14.50
C GLU C 251 8.17 -11.69 13.97
N ASP C 252 9.21 -11.58 13.13
CA ASP C 252 9.79 -12.74 12.49
C ASP C 252 11.15 -12.34 11.91
N PRO C 253 12.25 -12.80 12.53
CA PRO C 253 13.60 -12.51 12.00
C PRO C 253 14.02 -13.21 10.71
N THR C 254 13.17 -14.10 10.18
CA THR C 254 13.52 -14.92 9.03
C THR C 254 13.83 -14.02 7.81
N GLY C 255 14.93 -14.30 7.13
CA GLY C 255 15.42 -13.42 6.02
C GLY C 255 16.13 -12.10 6.38
N ALA C 256 16.32 -11.80 7.67
CA ALA C 256 17.02 -10.56 8.05
C ALA C 256 18.41 -10.47 7.42
N GLY C 257 19.16 -11.57 7.50
CA GLY C 257 20.54 -11.68 7.02
C GLY C 257 20.58 -11.45 5.52
N ASP C 258 19.57 -11.94 4.81
CA ASP C 258 19.45 -11.75 3.34
C ASP C 258 19.27 -10.33 2.90
N ALA C 259 18.36 -9.64 3.56
CA ALA C 259 18.11 -8.20 3.36
C ALA C 259 19.42 -7.41 3.63
N MET C 260 20.08 -7.73 4.75
CA MET C 260 21.44 -7.22 5.04
C MET C 260 22.46 -7.50 3.95
N ALA C 261 22.55 -8.77 3.49
CA ALA C 261 23.60 -9.21 2.58
C ALA C 261 23.40 -8.66 1.17
N GLY C 262 22.18 -8.68 0.66
CA GLY C 262 21.88 -8.09 -0.66
C GLY C 262 22.09 -6.58 -0.71
N THR C 263 21.68 -5.91 0.36
CA THR C 263 21.84 -4.46 0.54
C THR C 263 23.35 -4.09 0.54
N PHE C 264 24.09 -4.72 1.45
CA PHE C 264 25.54 -4.57 1.57
C PHE C 264 26.27 -4.78 0.25
N VAL C 265 26.09 -5.95 -0.37
CA VAL C 265 26.75 -6.29 -1.64
C VAL C 265 26.43 -5.30 -2.78
N SER C 266 25.17 -4.87 -2.91
CA SER C 266 24.84 -4.07 -4.06
C SER C 266 25.38 -2.64 -3.89
N LEU C 267 25.42 -2.15 -2.65
CA LEU C 267 25.93 -0.83 -2.34
C LEU C 267 27.44 -0.82 -2.54
N TYR C 268 28.08 -1.89 -2.08
CA TYR C 268 29.51 -2.11 -2.21
C TYR C 268 29.91 -2.15 -3.69
N LEU C 269 29.13 -2.86 -4.51
CA LEU C 269 29.33 -2.86 -5.95
C LEU C 269 29.16 -1.49 -6.61
N GLN C 270 28.41 -0.59 -5.97
CA GLN C 270 28.23 0.78 -6.46
C GLN C 270 29.33 1.76 -5.98
N GLY C 271 30.35 1.26 -5.26
CA GLY C 271 31.42 2.09 -4.73
C GLY C 271 31.12 2.74 -3.37
N LYS C 272 30.06 2.31 -2.69
CA LYS C 272 29.87 2.75 -1.31
C LYS C 272 30.91 2.05 -0.42
N ASP C 273 31.43 2.77 0.57
CA ASP C 273 32.42 2.17 1.45
C ASP C 273 31.70 1.16 2.39
N ILE C 274 32.47 0.41 3.17
CA ILE C 274 31.89 -0.66 3.98
C ILE C 274 31.09 -0.11 5.17
N GLU C 275 31.49 1.07 5.65
CA GLU C 275 30.74 1.78 6.68
C GLU C 275 29.29 2.08 6.24
N TYR C 276 29.13 2.61 5.04
CA TYR C 276 27.85 3.02 4.50
C TYR C 276 26.99 1.78 4.17
N SER C 277 27.64 0.79 3.52
CA SER C 277 27.03 -0.46 3.13
C SER C 277 26.53 -1.22 4.36
N LEU C 278 27.35 -1.26 5.41
CA LEU C 278 26.96 -1.88 6.68
C LEU C 278 25.75 -1.21 7.35
N ALA C 279 25.76 0.12 7.44
CA ALA C 279 24.68 0.86 8.09
C ALA C 279 23.37 0.60 7.35
N HIS C 280 23.44 0.58 6.03
CA HIS C 280 22.28 0.27 5.18
C HIS C 280 21.78 -1.17 5.35
N GLY C 281 22.71 -2.11 5.45
CA GLY C 281 22.37 -3.53 5.71
C GLY C 281 21.64 -3.67 7.04
N ILE C 282 22.09 -2.94 8.07
CA ILE C 282 21.47 -2.95 9.40
C ILE C 282 20.03 -2.33 9.35
N ALA C 283 19.89 -1.24 8.58
CA ALA C 283 18.59 -0.59 8.39
C ALA C 283 17.62 -1.61 7.73
N ALA C 284 18.10 -2.31 6.69
CA ALA C 284 17.31 -3.34 5.96
C ALA C 284 16.89 -4.50 6.84
N SER C 285 17.84 -5.10 7.57
CA SER C 285 17.49 -6.14 8.57
C SER C 285 16.43 -5.66 9.58
N THR C 286 16.58 -4.42 10.07
CA THR C 286 15.77 -3.95 11.17
C THR C 286 14.27 -3.89 10.78
N LEU C 287 14.03 -3.38 9.56
CA LEU C 287 12.71 -3.21 8.99
C LEU C 287 12.02 -4.55 8.74
N VAL C 288 12.73 -5.51 8.16
CA VAL C 288 12.09 -6.76 7.78
C VAL C 288 11.71 -7.64 8.99
N ILE C 289 12.47 -7.60 10.08
CA ILE C 289 12.10 -8.41 11.24
C ILE C 289 10.84 -7.89 11.96
N THR C 290 10.37 -6.68 11.65
CA THR C 290 9.13 -6.16 12.28
C THR C 290 7.82 -6.77 11.75
N VAL C 291 7.90 -7.68 10.77
CA VAL C 291 6.71 -8.22 10.09
C VAL C 291 6.96 -9.66 9.69
N ARG C 292 5.87 -10.37 9.37
CA ARG C 292 5.95 -11.75 8.87
C ARG C 292 6.83 -12.11 7.61
N GLY C 293 6.69 -11.39 6.52
CA GLY C 293 7.47 -11.74 5.34
C GLY C 293 8.91 -11.28 5.41
N ASP C 294 9.73 -11.85 4.53
CA ASP C 294 11.19 -11.65 4.57
C ASP C 294 11.65 -10.39 3.84
N ASN C 295 10.95 -9.99 2.79
CA ASN C 295 11.51 -9.02 1.85
C ASN C 295 10.60 -7.83 1.43
N GLU C 296 9.31 -7.83 1.81
CA GLU C 296 8.41 -6.72 1.48
C GLU C 296 8.90 -5.40 2.07
N LEU C 297 9.50 -5.45 3.26
CA LEU C 297 9.98 -4.23 3.86
C LEU C 297 11.46 -3.89 3.64
N THR C 298 12.14 -4.61 2.74
CA THR C 298 13.51 -4.28 2.38
C THR C 298 13.48 -2.88 1.73
N PRO C 299 14.21 -1.93 2.37
CA PRO C 299 14.17 -0.54 1.91
C PRO C 299 14.99 -0.33 0.67
N THR C 300 14.58 0.64 -0.12
CA THR C 300 15.45 1.18 -1.16
C THR C 300 16.61 1.93 -0.51
N LEU C 301 17.62 2.23 -1.32
CA LEU C 301 18.70 3.08 -0.87
C LEU C 301 18.19 4.31 -0.11
N GLU C 302 17.27 5.07 -0.71
CA GLU C 302 16.81 6.36 -0.18
C GLU C 302 15.98 6.19 1.10
N ASP C 303 15.17 5.13 1.15
CA ASP C 303 14.43 4.83 2.39
C ASP C 303 15.33 4.39 3.54
N ALA C 304 16.37 3.62 3.23
CA ALA C 304 17.36 3.19 4.26
C ALA C 304 18.10 4.46 4.79
N GLU C 305 18.38 5.42 3.90
CA GLU C 305 18.92 6.73 4.32
C GLU C 305 18.03 7.51 5.27
N ARG C 306 16.72 7.62 4.96
CA ARG C 306 15.75 8.15 5.89
C ARG C 306 15.77 7.45 7.24
N PHE C 307 15.76 6.12 7.25
CA PHE C 307 15.71 5.34 8.49
C PHE C 307 16.92 5.72 9.37
N LEU C 308 18.07 5.73 8.73
CA LEU C 308 19.36 6.00 9.39
C LEU C 308 19.44 7.41 9.97
N ASN C 309 18.93 8.40 9.23
CA ASN C 309 18.87 9.79 9.66
C ASN C 309 17.84 10.08 10.73
N GLU C 310 16.73 9.33 10.79
CA GLU C 310 15.56 9.69 11.61
C GLU C 310 15.28 8.75 12.78
N PHE C 311 15.66 7.49 12.65
CA PHE C 311 15.24 6.52 13.66
C PHE C 311 16.28 6.46 14.77
N LYS C 312 15.87 6.68 16.01
CA LYS C 312 16.78 6.35 17.14
C LYS C 312 16.05 5.51 18.16
O1B KDG D . -3.43 14.19 15.19
C1 KDG D . -4.00 13.04 14.58
C2 KDG D . -5.30 13.43 13.88
O2 KDG D . -5.17 14.80 13.45
C3 KDG D . -5.57 12.49 12.70
O3 KDG D . -6.92 12.01 12.72
C4 KDG D . -5.18 13.07 11.30
O5 KDG D . -7.10 14.57 11.12
C5 KDG D . -5.94 14.32 10.79
C6 KDG D . -5.24 15.27 9.83
O6A KDG D . -4.06 15.01 9.51
O6B KDG D . -5.87 16.26 9.42
O6 KDF E . -4.37 14.38 15.02
C6 KDF E . -4.59 13.14 14.32
C5 KDF E . -5.63 13.48 13.20
O5 KDF E . -5.12 14.52 12.30
C4 KDF E . -5.92 12.34 12.24
O4 KDF E . -7.04 11.59 12.73
C3 KDF E . -6.28 13.07 10.91
O2 KDF E . -7.19 15.36 11.34
C1 KDF E . -5.22 15.15 10.02
O1B KDF E . -3.98 15.01 10.01
C2 KDF E . -5.99 14.55 11.18
O1A KDF E . -5.90 15.73 9.15
PG ANP F . -1.29 13.55 16.76
O1G ANP F . -2.63 13.64 17.57
O2G ANP F . -1.21 15.13 16.31
O3G ANP F . -1.24 12.62 15.55
PB ANP F . 0.84 14.42 18.33
O1B ANP F . -0.07 15.76 18.35
O2B ANP F . 2.05 14.49 17.43
N3B ANP F . -0.15 13.18 17.91
PA ANP F . 2.55 13.79 20.54
O1A ANP F . 3.01 15.14 21.23
O2A ANP F . 3.59 13.32 19.60
O3A ANP F . 1.14 14.22 19.86
O5' ANP F . 2.18 12.73 21.69
C5' ANP F . 1.47 13.04 22.91
C4' ANP F . 1.77 11.93 23.97
O4' ANP F . 1.84 10.65 23.26
C3' ANP F . 3.12 11.93 24.73
O3' ANP F . 3.18 12.91 25.79
C2' ANP F . 3.11 10.51 25.30
O2' ANP F . 2.27 10.42 26.47
C1' ANP F . 2.51 9.70 24.14
N9 ANP F . 3.55 9.01 23.31
C8 ANP F . 3.88 9.35 22.06
N7 ANP F . 4.85 8.52 21.64
C5 ANP F . 5.11 7.65 22.62
C6 ANP F . 5.99 6.58 22.73
N6 ANP F . 6.79 6.26 21.71
N1 ANP F . 6.02 5.88 23.88
C2 ANP F . 5.20 6.21 24.89
N3 ANP F . 4.35 7.22 24.81
C4 ANP F . 4.28 7.96 23.68
P AMP G . 3.21 13.13 20.25
O1P AMP G . 1.99 13.53 19.45
O2P AMP G . 4.10 12.09 19.58
O3P AMP G . 3.99 14.30 20.81
O5' AMP G . 2.57 12.41 21.53
C5' AMP G . 1.55 13.03 22.32
C4' AMP G . 1.58 12.33 23.67
O4' AMP G . 1.30 10.94 23.46
C3' AMP G . 2.97 12.34 24.32
O3' AMP G . 3.23 13.50 25.12
C2' AMP G . 3.04 11.02 25.07
O2' AMP G . 2.36 11.07 26.34
C1' AMP G . 2.24 10.11 24.15
N9 AMP G . 3.15 9.40 23.19
C8 AMP G . 3.31 9.66 21.88
N7 AMP G . 4.22 8.82 21.33
C5 AMP G . 4.66 7.98 22.31
C6 AMP G . 5.62 6.83 22.42
N6 AMP G . 6.33 6.38 21.34
N1 AMP G . 5.77 6.25 23.63
C2 AMP G . 5.07 6.66 24.72
N3 AMP G . 4.18 7.68 24.69
C4 AMP G . 3.94 8.37 23.53
O1B KDG H . -16.39 -2.82 -15.19
C1 KDG H . -16.00 -2.68 -13.82
C2 KDG H . -14.86 -1.69 -13.78
O2 KDG H . -15.31 -0.49 -14.42
C3 KDG H . -14.40 -1.45 -12.33
O3 KDG H . -13.03 -1.85 -12.15
C4 KDG H . -14.63 -0.01 -11.83
O5 KDG H . -12.67 0.92 -12.90
C5 KDG H . -13.84 1.09 -12.57
C6 KDG H . -14.49 2.43 -12.92
O6A KDG H . -15.68 2.63 -12.60
O6B KDG H . -13.78 3.25 -13.51
O6 KDF I . -15.70 -2.36 -14.90
C6 KDF I . -15.34 -2.39 -13.54
C5 KDF I . -14.27 -1.28 -13.34
O5 KDF I . -14.85 0.01 -13.70
C4 KDF I . -13.97 -1.16 -11.85
O4 KDF I . -12.82 -1.97 -11.53
C3 KDF I . -13.71 0.36 -11.65
O2 KDF I . -12.96 1.42 -13.77
C1 KDF I . -15.00 2.26 -12.88
O1B KDF I . -16.24 2.14 -12.66
C2 KDF I . -14.12 1.01 -13.01
O1A KDF I . -14.41 3.33 -13.05
PG ANP J . -18.58 -4.20 -15.13
O1G ANP J . -17.21 -4.74 -15.69
O2G ANP J . -18.88 -2.89 -16.09
O3G ANP J . -18.63 -3.86 -13.65
PB ANP J . -20.87 -5.61 -15.71
O1B ANP J . -21.69 -4.40 -16.23
O2B ANP J . -21.02 -5.97 -14.25
N3B ANP J . -19.30 -5.45 -15.78
PA ANP J . -22.76 -7.56 -16.60
O1A ANP J . -23.75 -6.74 -17.62
O2A ANP J . -23.30 -7.54 -15.21
O3A ANP J . -21.28 -6.82 -16.72
O5' ANP J . -22.66 -9.06 -17.15
C5' ANP J . -21.45 -9.65 -17.64
C4' ANP J . -21.54 -11.16 -17.51
O4' ANP J . -21.37 -11.45 -16.10
C3' ANP J . -22.92 -11.79 -17.81
O3' ANP J . -23.10 -11.99 -19.20
C2' ANP J . -22.83 -13.11 -17.06
O2' ANP J . -22.02 -14.08 -17.74
C1' ANP J . -22.09 -12.67 -15.79
N9 ANP J . -23.07 -12.41 -14.70
C8 ANP J . -23.47 -11.21 -14.25
N7 ANP J . -24.35 -11.37 -13.26
C5 ANP J . -24.52 -12.68 -13.09
C6 ANP J . -25.29 -13.46 -12.23
N6 ANP J . -26.08 -12.86 -11.35
N1 ANP J . -25.22 -14.79 -12.33
C2 ANP J . -24.42 -15.40 -13.21
N3 ANP J . -23.67 -14.69 -14.04
C4 ANP J . -23.71 -13.35 -14.00
P AMP K . -22.84 -7.48 -16.96
O1P AMP K . -23.95 -7.24 -15.96
O2P AMP K . -23.38 -7.55 -18.36
O3P AMP K . -21.62 -6.56 -16.86
O5' AMP K . -22.28 -8.96 -16.64
C5' AMP K . -21.34 -9.55 -17.54
C4' AMP K . -21.53 -11.06 -17.53
O4' AMP K . -21.18 -11.55 -16.22
C3' AMP K . -22.95 -11.58 -17.76
O3' AMP K . -23.31 -11.69 -19.13
C2' AMP K . -22.96 -12.90 -17.03
O2' AMP K . -22.35 -13.96 -17.77
C1' AMP K . -22.08 -12.60 -15.83
N9 AMP K . -22.91 -12.17 -14.68
C8 AMP K . -23.11 -10.92 -14.19
N7 AMP K . -23.95 -10.93 -13.12
C5 AMP K . -24.30 -12.22 -12.91
C6 AMP K . -25.15 -12.96 -11.94
N6 AMP K . -25.83 -12.30 -10.96
N1 AMP K . -25.23 -14.31 -12.09
C2 AMP K . -24.58 -14.99 -13.06
N3 AMP K . -23.79 -14.39 -13.96
C4 AMP K . -23.62 -13.04 -13.94
O1B KDG L . 17.43 -16.56 5.23
C1 KDG L . 16.05 -16.96 5.12
C2 KDG L . 15.91 -18.12 4.14
O2 KDG L . 16.80 -19.16 4.55
C3 KDG L . 14.45 -18.62 4.10
O3 KDG L . 13.68 -17.84 3.16
C4 KDG L . 14.24 -20.13 3.81
O5 KDG L . 15.41 -20.62 1.72
C5 KDG L . 15.28 -20.86 2.92
C6 KDG L . 16.17 -21.96 3.52
O6A KDG L . 16.06 -22.22 4.74
O6B KDG L . 16.96 -22.54 2.76
O6 KDF M . 17.48 -16.70 4.70
C6 KDF M . 16.12 -17.04 4.97
C5 KDF M . 15.62 -17.91 3.81
O5 KDF M . 16.39 -19.13 3.79
C4 KDF M . 14.16 -18.33 4.03
O4 KDF M . 13.31 -17.40 3.33
C3 KDF M . 14.11 -19.74 3.41
O2 KDF M . 15.89 -20.14 1.72
C1 KDF M . 15.98 -21.49 3.68
O1B KDF M . 16.18 -21.56 4.91
C2 KDF M . 15.61 -20.11 3.12
O1A KDF M . 16.06 -22.44 2.85
PG ANP N . 18.53 -15.33 7.81
O1G ANP N . 17.04 -16.07 8.05
O2G ANP N . 18.39 -14.36 6.60
O3G ANP N . 19.62 -16.33 7.50
PB ANP N . 20.25 -14.42 9.81
O1B ANP N . 21.31 -14.59 8.60
O2B ANP N . 20.45 -15.47 10.85
N3B ANP N . 18.76 -14.39 9.16
PA ANP N . 21.12 -12.37 11.62
O1A ANP N . 22.70 -12.64 11.49
O2A ANP N . 20.60 -13.02 12.84
O3A ANP N . 20.49 -12.89 10.23
O5' ANP N . 20.86 -10.81 11.67
C5' ANP N . 21.03 -9.91 10.62
C4' ANP N . 20.76 -8.50 11.23
O4' ANP N . 19.37 -8.51 11.57
C3' ANP N . 21.41 -8.16 12.58
O3' ANP N . 22.76 -7.74 12.47
C2' ANP N . 20.49 -7.03 13.05
O2' ANP N . 20.66 -5.83 12.32
C1' ANP N . 19.13 -7.59 12.66
N9 ANP N . 18.52 -8.36 13.75
C8 ANP N . 18.44 -9.70 13.85
N7 ANP N . 17.80 -10.01 14.99
C5 ANP N . 17.49 -8.86 15.60
C6 ANP N . 16.83 -8.55 16.78
N6 ANP N . 16.36 -9.53 17.57
N1 ANP N . 16.65 -7.26 17.12
C2 ANP N . 17.11 -6.28 16.34
N3 ANP N . 17.73 -6.54 15.20
C4 ANP N . 17.94 -7.81 14.81
P AMP O . 21.11 -12.65 12.26
O1P AMP O . 20.50 -13.26 11.00
O2P AMP O . 20.53 -13.17 13.56
O3P AMP O . 22.63 -12.62 12.25
O5' AMP O . 20.65 -11.10 12.22
C5' AMP O . 21.17 -10.20 11.24
C4' AMP O . 20.60 -8.80 11.44
O4' AMP O . 19.22 -8.86 11.85
C3' AMP O . 21.33 -8.01 12.53
O3' AMP O . 22.37 -7.20 11.99
C2' AMP O . 20.25 -7.19 13.20
O2' AMP O . 20.20 -5.83 12.73
C1' AMP O . 18.94 -7.89 12.86
N9 AMP O . 18.37 -8.52 14.08
C8 AMP O . 18.10 -9.84 14.24
N7 AMP O . 17.59 -10.10 15.48
C5 AMP O . 17.51 -8.93 16.13
C6 AMP O . 17.05 -8.47 17.48
N6 AMP O . 16.56 -9.35 18.39
N1 AMP O . 17.14 -7.15 17.76
C2 AMP O . 17.62 -6.26 16.87
N3 AMP O . 18.05 -6.60 15.64
C4 AMP O . 18.02 -7.89 15.22
#